data_8QZ6
#
_entry.id   8QZ6
#
_cell.length_a   1.00
_cell.length_b   1.00
_cell.length_c   1.00
_cell.angle_alpha   90.00
_cell.angle_beta   90.00
_cell.angle_gamma   90.00
#
_symmetry.space_group_name_H-M   'P 1'
#
loop_
_entity.id
_entity.type
_entity.pdbx_description
1 polymer 'Isoform 2 of Ceramide synthase 6'
2 polymer Nanobody-22
3 non-polymer 'PALMITIC ACID'
4 non-polymer 1,2-DIACYL-SN-GLYCERO-3-PHOSPHOCHOLINE
5 non-polymer 2-acetamido-2-deoxy-beta-D-glucopyranose
#
loop_
_entity_poly.entity_id
_entity_poly.type
_entity_poly.pdbx_seq_one_letter_code
_entity_poly.pdbx_strand_id
1 'polypeptide(L)'
;MAGILAWFWNERFWLPHNVTWADLKNTEEATFPQAEDLYLAFPLAFCIFMVRLIFERFVAKPCAIALNIQANGPQIAPPN
AILEKVFTAITKHPDEKRLEGLSKQLDWDVRSIQRWFRQRRNQEKPSTLTRFCESMWRFSFYLYVFTYGVRFLKKTPWLW
NTRHCWYNYPYQPLTTDLHYYYILELSFYWSLMFSQFTDIKRKDFGIMFLHHLVSIFLITFSYVNNMARVGTLVLCLHDS
ADALLEAAKMANYAKFQKMCDLLFVMFAVVFITTRLGIFPLWVLNTTLFESWEIVGPYPSWWVFNLLLLLVQGLNCFWSY
LIVKIACKAVSRGKAGKWNPLHVSKDDRSDAENLYFQ
;
A,C
2 'polypeptide(L)'
;QVQLVESGGGLVQAEGSLRLSCAASGRTFRTYGMGWFRQAPGKEREFVAALNWSGSSTYYADSVKGRFTISRDNAKNTAY
LQMNSLKPEDTAVYYCAALRRKAEYGSRSIADFDSWSKGTPVTVSSHHHHHHEPEA
;
B,D
#
# COMPACT_ATOMS: atom_id res chain seq x y z
N ALA A 2 -14.87 2.94 10.76
CA ALA A 2 -14.78 4.31 10.27
C ALA A 2 -14.80 5.29 11.44
N GLY A 3 -15.80 5.16 12.31
CA GLY A 3 -15.90 6.04 13.46
C GLY A 3 -14.75 5.85 14.44
N ILE A 4 -14.31 4.61 14.63
CA ILE A 4 -13.21 4.35 15.56
C ILE A 4 -11.91 4.98 15.05
N LEU A 5 -11.71 5.00 13.72
CA LEU A 5 -10.54 5.67 13.18
C LEU A 5 -10.58 7.16 13.44
N ALA A 6 -11.77 7.77 13.32
CA ALA A 6 -11.91 9.19 13.66
C ALA A 6 -11.67 9.43 15.13
N TRP A 7 -12.11 8.51 15.99
CA TRP A 7 -11.85 8.65 17.43
C TRP A 7 -10.36 8.56 17.72
N PHE A 8 -9.65 7.64 17.07
CA PHE A 8 -8.22 7.48 17.32
C PHE A 8 -7.45 8.73 16.89
N TRP A 9 -7.79 9.29 15.73
CA TRP A 9 -7.13 10.50 15.24
C TRP A 9 -7.80 11.75 15.80
N ASN A 10 -7.70 11.89 17.13
CA ASN A 10 -8.24 13.06 17.81
C ASN A 10 -7.31 14.25 17.59
N GLU A 11 -7.83 15.31 16.99
CA GLU A 11 -7.01 16.46 16.63
C GLU A 11 -6.49 17.20 17.87
N ARG A 12 -7.12 17.01 19.02
CA ARG A 12 -6.65 17.62 20.26
C ARG A 12 -5.55 16.81 20.95
N PHE A 13 -5.19 15.65 20.39
CA PHE A 13 -4.17 14.78 20.96
C PHE A 13 -2.86 14.84 20.21
N TRP A 14 -2.88 14.71 18.89
CA TRP A 14 -1.65 14.70 18.11
C TRP A 14 -1.14 16.10 17.84
N LEU A 15 -1.93 16.92 17.15
CA LEU A 15 -1.50 18.24 16.77
C LEU A 15 -1.50 19.19 17.97
N PRO A 16 -0.70 20.27 17.90
CA PRO A 16 -0.67 21.24 19.01
C PRO A 16 -1.98 22.01 19.17
N HIS A 17 -2.02 22.93 20.12
CA HIS A 17 -3.23 23.67 20.41
C HIS A 17 -3.63 24.55 19.23
N ASN A 18 -4.94 24.63 18.99
CA ASN A 18 -5.52 25.44 17.92
C ASN A 18 -5.01 25.04 16.54
N VAL A 19 -4.67 23.76 16.37
CA VAL A 19 -4.23 23.22 15.09
C VAL A 19 -5.11 22.01 14.77
N THR A 20 -5.69 21.99 13.57
CA THR A 20 -6.55 20.92 13.13
C THR A 20 -5.98 20.29 11.87
N TRP A 21 -6.40 19.05 11.60
CA TRP A 21 -5.91 18.34 10.43
C TRP A 21 -6.26 19.06 9.14
N ALA A 22 -7.37 19.81 9.13
CA ALA A 22 -7.76 20.56 7.94
C ALA A 22 -6.73 21.62 7.57
N ASP A 23 -5.92 22.07 8.53
CA ASP A 23 -4.86 23.02 8.22
C ASP A 23 -3.71 22.37 7.46
N LEU A 24 -3.58 21.04 7.54
CA LEU A 24 -2.49 20.32 6.91
C LEU A 24 -2.89 19.67 5.59
N LYS A 25 -4.06 19.99 5.06
CA LYS A 25 -4.49 19.43 3.79
C LYS A 25 -3.61 19.96 2.65
N ASN A 26 -3.31 19.08 1.69
CA ASN A 26 -2.45 19.46 0.58
C ASN A 26 -3.14 20.47 -0.32
N THR A 27 -2.37 21.45 -0.79
CA THR A 27 -2.87 22.46 -1.70
C THR A 27 -1.73 22.88 -2.63
N GLU A 28 -2.05 23.80 -3.54
CA GLU A 28 -1.09 24.24 -4.53
C GLU A 28 0.05 25.07 -3.91
N GLU A 29 -0.13 25.55 -2.67
CA GLU A 29 0.90 26.36 -2.03
C GLU A 29 2.00 25.51 -1.43
N ALA A 30 1.64 24.42 -0.74
CA ALA A 30 2.64 23.57 -0.10
C ALA A 30 2.12 22.14 -0.03
N THR A 31 3.05 21.22 0.14
CA THR A 31 2.75 19.79 0.27
C THR A 31 3.12 19.32 1.67
N PHE A 32 2.17 18.67 2.34
CA PHE A 32 2.37 18.17 3.69
C PHE A 32 2.21 16.64 3.71
N PRO A 33 2.91 15.97 4.61
CA PRO A 33 2.79 14.50 4.68
C PRO A 33 1.40 14.06 5.07
N GLN A 34 0.97 12.94 4.49
CA GLN A 34 -0.32 12.33 4.78
C GLN A 34 -0.14 10.85 5.03
N ALA A 35 -1.10 10.27 5.75
CA ALA A 35 -1.03 8.84 6.05
C ALA A 35 -1.12 8.00 4.79
N GLU A 36 -1.90 8.45 3.80
CA GLU A 36 -2.07 7.69 2.56
C GLU A 36 -0.76 7.49 1.80
N ASP A 37 0.25 8.33 2.07
CA ASP A 37 1.55 8.16 1.43
C ASP A 37 2.35 6.99 2.00
N LEU A 38 1.90 6.40 3.11
CA LEU A 38 2.61 5.29 3.73
C LEU A 38 2.14 3.93 3.25
N TYR A 39 1.22 3.89 2.27
CA TYR A 39 0.76 2.62 1.72
C TYR A 39 1.71 2.05 0.67
N LEU A 40 2.51 2.90 0.03
CA LEU A 40 3.51 2.43 -0.92
C LEU A 40 4.64 1.67 -0.23
N ALA A 41 4.75 1.80 1.09
CA ALA A 41 5.82 1.14 1.82
C ALA A 41 5.76 -0.37 1.68
N PHE A 42 4.57 -0.96 1.72
CA PHE A 42 4.46 -2.40 1.56
C PHE A 42 4.87 -2.88 0.16
N PRO A 43 4.40 -2.28 -0.94
CA PRO A 43 4.93 -2.68 -2.25
C PRO A 43 6.43 -2.48 -2.39
N LEU A 44 6.97 -1.38 -1.86
CA LEU A 44 8.41 -1.20 -1.94
C LEU A 44 9.16 -2.22 -1.09
N ALA A 45 8.58 -2.63 0.04
CA ALA A 45 9.19 -3.67 0.85
C ALA A 45 9.18 -5.02 0.13
N PHE A 46 8.09 -5.32 -0.59
CA PHE A 46 8.05 -6.54 -1.38
C PHE A 46 9.11 -6.51 -2.48
N CYS A 47 9.26 -5.37 -3.14
CA CYS A 47 10.31 -5.24 -4.15
C CYS A 47 11.71 -5.40 -3.53
N ILE A 48 11.91 -4.82 -2.35
CA ILE A 48 13.19 -4.94 -1.66
C ILE A 48 13.46 -6.39 -1.28
N PHE A 49 12.42 -7.12 -0.87
CA PHE A 49 12.58 -8.53 -0.54
C PHE A 49 12.95 -9.34 -1.79
N MET A 50 12.32 -9.05 -2.92
CA MET A 50 12.68 -9.73 -4.16
C MET A 50 14.13 -9.45 -4.53
N VAL A 51 14.55 -8.19 -4.45
CA VAL A 51 15.93 -7.83 -4.77
C VAL A 51 16.89 -8.48 -3.80
N ARG A 52 16.51 -8.59 -2.53
CA ARG A 52 17.34 -9.25 -1.54
C ARG A 52 17.53 -10.73 -1.86
N LEU A 53 16.44 -11.41 -2.25
CA LEU A 53 16.55 -12.81 -2.64
C LEU A 53 17.46 -12.97 -3.86
N ILE A 54 17.30 -12.10 -4.86
CA ILE A 54 18.13 -12.19 -6.05
C ILE A 54 19.59 -11.94 -5.70
N PHE A 55 19.86 -10.94 -4.86
CA PHE A 55 21.23 -10.62 -4.47
C PHE A 55 21.87 -11.76 -3.70
N GLU A 56 21.12 -12.37 -2.78
CA GLU A 56 21.67 -13.48 -2.00
C GLU A 56 21.95 -14.70 -2.88
N ARG A 57 21.02 -15.02 -3.78
CA ARG A 57 21.18 -16.25 -4.55
C ARG A 57 22.18 -16.10 -5.69
N PHE A 58 22.29 -14.92 -6.29
CA PHE A 58 23.10 -14.76 -7.49
C PHE A 58 24.39 -13.98 -7.30
N VAL A 59 24.47 -13.11 -6.31
CA VAL A 59 25.62 -12.22 -6.12
C VAL A 59 26.45 -12.62 -4.91
N ALA A 60 25.82 -12.76 -3.74
CA ALA A 60 26.58 -13.05 -2.53
C ALA A 60 27.09 -14.49 -2.52
N LYS A 61 26.31 -15.44 -3.03
CA LYS A 61 26.71 -16.84 -2.98
C LYS A 61 27.97 -17.11 -3.80
N PRO A 62 28.11 -16.65 -5.05
CA PRO A 62 29.39 -16.87 -5.76
C PRO A 62 30.58 -16.25 -5.05
N CYS A 63 30.40 -15.06 -4.46
CA CYS A 63 31.50 -14.43 -3.74
C CYS A 63 31.89 -15.26 -2.52
N ALA A 64 30.90 -15.78 -1.79
CA ALA A 64 31.19 -16.63 -0.64
C ALA A 64 31.89 -17.91 -1.08
N ILE A 65 31.47 -18.50 -2.21
CA ILE A 65 32.13 -19.69 -2.72
C ILE A 65 33.59 -19.40 -3.06
N ALA A 66 33.83 -18.28 -3.74
CA ALA A 66 35.19 -17.88 -4.07
C ALA A 66 35.99 -17.46 -2.83
N LEU A 67 35.31 -17.19 -1.71
CA LEU A 67 35.97 -16.79 -0.47
C LEU A 67 36.23 -17.98 0.45
N ASN A 68 36.06 -19.22 -0.04
CA ASN A 68 36.27 -20.43 0.74
C ASN A 68 35.35 -20.47 1.97
N ILE A 69 34.06 -20.47 1.69
CA ILE A 69 33.02 -20.63 2.71
C ILE A 69 32.38 -22.00 2.52
N GLN A 70 32.24 -22.74 3.62
CA GLN A 70 31.69 -24.08 3.57
C GLN A 70 30.30 -24.10 2.93
N ALA A 71 30.20 -24.72 1.76
CA ALA A 71 28.95 -24.79 1.01
C ALA A 71 28.05 -25.93 1.45
N ASN A 72 28.51 -26.80 2.34
CA ASN A 72 27.73 -27.92 2.82
C ASN A 72 26.98 -27.52 4.10
N GLY A 73 26.20 -28.46 4.62
CA GLY A 73 25.45 -28.22 5.83
C GLY A 73 26.25 -28.49 7.08
N PRO A 74 25.56 -28.66 8.21
CA PRO A 74 26.27 -28.92 9.48
C PRO A 74 26.80 -30.34 9.56
N GLN A 75 27.41 -30.68 10.70
CA GLN A 75 27.96 -32.00 10.92
C GLN A 75 26.90 -32.93 11.52
N ILE A 76 27.30 -34.15 11.83
CA ILE A 76 26.41 -35.16 12.40
C ILE A 76 26.91 -35.51 13.80
N ALA A 77 26.04 -35.37 14.79
CA ALA A 77 26.40 -35.70 16.15
C ALA A 77 26.43 -37.22 16.34
N PRO A 78 27.31 -37.71 17.22
CA PRO A 78 27.36 -39.14 17.47
C PRO A 78 26.07 -39.61 18.09
N PRO A 79 25.64 -40.84 17.80
CA PRO A 79 24.37 -41.33 18.33
C PRO A 79 24.44 -41.57 19.83
N ASN A 80 23.35 -41.23 20.52
CA ASN A 80 23.23 -41.46 21.96
C ASN A 80 21.76 -41.36 22.32
N ALA A 81 21.22 -42.44 22.91
CA ALA A 81 19.80 -42.46 23.22
C ALA A 81 19.45 -41.47 24.32
N ILE A 82 20.22 -41.48 25.42
CA ILE A 82 19.93 -40.59 26.52
C ILE A 82 20.13 -39.13 26.11
N LEU A 83 21.21 -38.84 25.39
CA LEU A 83 21.47 -37.47 24.95
C LEU A 83 20.38 -37.00 24.00
N GLU A 84 19.94 -37.86 23.07
CA GLU A 84 18.88 -37.48 22.15
C GLU A 84 17.57 -37.23 22.89
N LYS A 85 17.25 -38.08 23.87
CA LYS A 85 16.03 -37.88 24.65
C LYS A 85 16.08 -36.58 25.42
N VAL A 86 17.22 -36.27 26.03
CA VAL A 86 17.36 -35.01 26.76
C VAL A 86 17.24 -33.82 25.82
N PHE A 87 17.87 -33.91 24.64
CA PHE A 87 17.81 -32.82 23.69
C PHE A 87 16.39 -32.58 23.20
N THR A 88 15.64 -33.66 22.94
CA THR A 88 14.27 -33.51 22.46
C THR A 88 13.32 -33.08 23.57
N ALA A 89 13.61 -33.43 24.82
CA ALA A 89 12.70 -33.17 25.93
C ALA A 89 13.16 -32.05 26.84
N ILE A 90 14.38 -32.13 27.38
CA ILE A 90 14.79 -31.22 28.44
C ILE A 90 15.10 -29.84 27.88
N THR A 91 16.11 -29.74 27.04
CA THR A 91 16.57 -28.45 26.51
C THR A 91 17.52 -28.72 25.34
N LYS A 92 17.95 -27.63 24.70
CA LYS A 92 18.86 -27.70 23.57
C LYS A 92 20.19 -27.01 23.80
N HIS A 93 20.27 -26.08 24.74
CA HIS A 93 21.50 -25.33 25.03
C HIS A 93 21.78 -25.41 26.52
N PRO A 94 22.40 -26.50 26.97
CA PRO A 94 22.65 -26.66 28.41
C PRO A 94 23.64 -25.64 28.94
N ASP A 95 23.44 -25.24 30.19
CA ASP A 95 24.34 -24.34 30.88
C ASP A 95 25.38 -25.14 31.65
N GLU A 96 26.15 -24.46 32.51
CA GLU A 96 27.17 -25.15 33.29
C GLU A 96 26.53 -26.14 34.26
N LYS A 97 25.47 -25.71 34.96
CA LYS A 97 24.76 -26.61 35.86
C LYS A 97 24.09 -27.74 35.09
N ARG A 98 23.49 -27.43 33.94
CA ARG A 98 22.89 -28.46 33.12
C ARG A 98 23.95 -29.44 32.60
N LEU A 99 25.12 -28.92 32.20
CA LEU A 99 26.20 -29.79 31.75
C LEU A 99 26.67 -30.70 32.87
N GLU A 100 26.79 -30.17 34.10
CA GLU A 100 27.18 -31.00 35.23
C GLU A 100 26.14 -32.08 35.52
N GLY A 101 24.85 -31.72 35.46
CA GLY A 101 23.81 -32.71 35.67
C GLY A 101 23.81 -33.80 34.60
N LEU A 102 24.03 -33.40 33.34
CA LEU A 102 24.10 -34.38 32.26
C LEU A 102 25.31 -35.29 32.42
N SER A 103 26.44 -34.74 32.84
CA SER A 103 27.62 -35.56 33.08
C SER A 103 27.38 -36.55 34.22
N LYS A 104 26.71 -36.09 35.28
CA LYS A 104 26.40 -36.99 36.39
C LYS A 104 25.45 -38.11 35.96
N GLN A 105 24.44 -37.76 35.16
CA GLN A 105 23.44 -38.76 34.76
C GLN A 105 24.02 -39.77 33.77
N LEU A 106 24.74 -39.29 32.76
CA LEU A 106 25.27 -40.13 31.70
C LEU A 106 26.60 -40.78 32.06
N ASP A 107 27.26 -40.33 33.13
CA ASP A 107 28.59 -40.80 33.50
C ASP A 107 29.58 -40.59 32.36
N TRP A 108 29.50 -39.43 31.72
CA TRP A 108 30.36 -39.05 30.61
C TRP A 108 31.03 -37.72 30.91
N ASP A 109 32.12 -37.46 30.20
CA ASP A 109 32.84 -36.21 30.39
C ASP A 109 31.99 -35.02 29.91
N VAL A 110 32.21 -33.87 30.55
CA VAL A 110 31.47 -32.67 30.20
C VAL A 110 31.81 -32.21 28.79
N ARG A 111 33.07 -32.40 28.38
CA ARG A 111 33.49 -31.94 27.05
C ARG A 111 32.74 -32.70 25.95
N SER A 112 32.57 -34.01 26.11
CA SER A 112 31.87 -34.78 25.08
C SER A 112 30.42 -34.35 24.96
N ILE A 113 29.73 -34.16 26.10
CA ILE A 113 28.34 -33.73 26.06
C ILE A 113 28.22 -32.34 25.45
N GLN A 114 29.15 -31.44 25.82
CA GLN A 114 29.13 -30.09 25.24
C GLN A 114 29.34 -30.13 23.74
N ARG A 115 30.26 -30.97 23.27
CA ARG A 115 30.49 -31.09 21.83
C ARG A 115 29.27 -31.66 21.12
N TRP A 116 28.63 -32.66 21.73
CA TRP A 116 27.44 -33.25 21.12
C TRP A 116 26.32 -32.22 21.03
N PHE A 117 26.11 -31.44 22.08
CA PHE A 117 25.06 -30.43 22.05
C PHE A 117 25.39 -29.29 21.09
N ARG A 118 26.67 -28.94 20.96
CA ARG A 118 27.07 -27.95 19.98
C ARG A 118 26.81 -28.45 18.56
N GLN A 119 27.10 -29.72 18.31
CA GLN A 119 26.81 -30.30 16.99
C GLN A 119 25.31 -30.31 16.72
N ARG A 120 24.51 -30.65 17.74
CA ARG A 120 23.05 -30.63 17.56
C ARG A 120 22.55 -29.22 17.28
N ARG A 121 23.09 -28.23 17.98
CA ARG A 121 22.70 -26.84 17.74
C ARG A 121 23.09 -26.40 16.34
N ASN A 122 24.27 -26.80 15.88
CA ASN A 122 24.67 -26.50 14.50
C ASN A 122 23.74 -27.16 13.50
N GLN A 123 23.28 -28.38 13.82
CA GLN A 123 22.28 -29.03 12.97
C GLN A 123 20.99 -28.22 12.93
N GLU A 124 20.56 -27.71 14.07
CA GLU A 124 19.37 -26.85 14.10
C GLU A 124 19.64 -25.46 13.55
N LYS A 125 20.88 -24.97 13.66
CA LYS A 125 21.18 -23.64 13.18
C LYS A 125 21.39 -23.62 11.67
N PRO A 126 21.11 -22.49 11.02
CA PRO A 126 21.35 -22.38 9.57
C PRO A 126 22.83 -22.43 9.25
N SER A 127 23.13 -22.79 8.01
CA SER A 127 24.50 -22.90 7.55
C SER A 127 25.15 -21.51 7.46
N THR A 128 26.48 -21.52 7.40
CA THR A 128 27.23 -20.27 7.38
C THR A 128 27.01 -19.50 6.08
N LEU A 129 26.71 -20.18 4.99
CA LEU A 129 26.56 -19.51 3.69
C LEU A 129 25.39 -18.53 3.72
N THR A 130 24.24 -18.97 4.23
CA THR A 130 23.07 -18.09 4.26
C THR A 130 23.30 -16.90 5.17
N ARG A 131 23.93 -17.12 6.33
CA ARG A 131 24.22 -16.02 7.24
C ARG A 131 25.19 -15.03 6.61
N PHE A 132 26.19 -15.52 5.90
CA PHE A 132 27.12 -14.63 5.20
C PHE A 132 26.41 -13.81 4.15
N CYS A 133 25.53 -14.43 3.37
CA CYS A 133 24.80 -13.68 2.35
C CYS A 133 23.90 -12.63 2.97
N GLU A 134 23.20 -12.98 4.04
CA GLU A 134 22.33 -12.02 4.72
C GLU A 134 23.13 -10.87 5.30
N SER A 135 24.29 -11.16 5.88
CA SER A 135 25.15 -10.11 6.42
C SER A 135 25.64 -9.19 5.32
N MET A 136 26.01 -9.75 4.16
CA MET A 136 26.45 -8.92 3.05
C MET A 136 25.34 -8.00 2.55
N TRP A 137 24.12 -8.54 2.44
CA TRP A 137 22.99 -7.71 2.03
C TRP A 137 22.73 -6.60 3.03
N ARG A 138 22.75 -6.93 4.32
CA ARG A 138 22.55 -5.91 5.36
C ARG A 138 23.63 -4.85 5.30
N PHE A 139 24.88 -5.25 5.12
CA PHE A 139 25.98 -4.30 5.02
C PHE A 139 25.78 -3.34 3.86
N SER A 140 25.45 -3.89 2.68
CA SER A 140 25.26 -3.03 1.51
C SER A 140 24.11 -2.05 1.72
N PHE A 141 22.97 -2.55 2.21
CA PHE A 141 21.81 -1.69 2.39
C PHE A 141 22.08 -0.61 3.44
N TYR A 142 22.70 -0.98 4.56
CA TYR A 142 22.99 -0.01 5.60
C TYR A 142 23.99 1.04 5.13
N LEU A 143 25.01 0.62 4.37
CA LEU A 143 25.98 1.59 3.85
C LEU A 143 25.30 2.58 2.92
N TYR A 144 24.44 2.09 2.01
CA TYR A 144 23.75 2.99 1.10
C TYR A 144 22.84 3.94 1.87
N VAL A 145 22.11 3.43 2.86
CA VAL A 145 21.19 4.26 3.62
C VAL A 145 21.95 5.35 4.37
N PHE A 146 23.05 4.99 5.02
CA PHE A 146 23.83 5.97 5.77
C PHE A 146 24.43 7.02 4.84
N THR A 147 24.93 6.59 3.68
CA THR A 147 25.49 7.55 2.73
C THR A 147 24.43 8.54 2.26
N TYR A 148 23.25 8.03 1.91
CA TYR A 148 22.17 8.91 1.46
C TYR A 148 21.73 9.84 2.58
N GLY A 149 21.66 9.33 3.81
CA GLY A 149 21.27 10.18 4.92
C GLY A 149 22.27 11.31 5.16
N VAL A 150 23.56 11.01 5.09
CA VAL A 150 24.58 12.04 5.24
C VAL A 150 24.46 13.07 4.13
N ARG A 151 24.30 12.60 2.89
CA ARG A 151 24.21 13.52 1.75
C ARG A 151 22.99 14.42 1.87
N PHE A 152 21.87 13.87 2.33
CA PHE A 152 20.66 14.68 2.48
C PHE A 152 20.79 15.66 3.63
N LEU A 153 21.36 15.23 4.76
CA LEU A 153 21.39 16.07 5.95
C LEU A 153 22.45 17.16 5.89
N LYS A 154 23.51 16.97 5.09
CA LYS A 154 24.58 17.97 5.08
C LYS A 154 24.11 19.34 4.61
N LYS A 155 23.04 19.41 3.84
CA LYS A 155 22.53 20.68 3.33
C LYS A 155 21.30 21.18 4.07
N THR A 156 20.70 20.37 4.93
CA THR A 156 19.50 20.80 5.63
C THR A 156 19.82 21.86 6.67
N PRO A 157 18.87 22.76 6.97
CA PRO A 157 19.14 23.82 7.94
C PRO A 157 19.00 23.39 9.39
N TRP A 158 18.27 22.32 9.69
CA TRP A 158 18.05 21.92 11.08
C TRP A 158 19.11 20.96 11.62
N LEU A 159 20.04 20.50 10.78
CA LEU A 159 21.10 19.63 11.28
C LEU A 159 22.01 20.37 12.25
N TRP A 160 22.36 21.61 11.94
CA TRP A 160 23.27 22.37 12.79
C TRP A 160 22.53 23.06 13.92
N ASN A 161 21.31 23.52 13.69
CA ASN A 161 20.48 24.14 14.73
C ASN A 161 19.19 23.33 14.83
N THR A 162 19.08 22.51 15.87
CA THR A 162 17.91 21.65 16.05
C THR A 162 16.64 22.44 16.33
N ARG A 163 16.76 23.68 16.81
CA ARG A 163 15.58 24.49 17.09
C ARG A 163 14.75 24.76 15.84
N HIS A 164 15.35 24.65 14.65
CA HIS A 164 14.60 24.79 13.41
C HIS A 164 13.63 23.64 13.17
N CYS A 165 13.75 22.55 13.92
CA CYS A 165 12.81 21.44 13.77
C CYS A 165 11.42 21.79 14.30
N TRP A 166 11.30 22.82 15.13
CA TRP A 166 10.04 23.14 15.77
C TRP A 166 9.59 24.58 15.57
N TYR A 167 10.39 25.43 14.92
CA TYR A 167 10.03 26.83 14.77
C TYR A 167 8.75 27.00 13.98
N ASN A 168 8.63 26.32 12.85
CA ASN A 168 7.45 26.40 12.00
C ASN A 168 6.59 25.14 12.08
N TYR A 169 6.87 24.25 13.02
CA TYR A 169 6.06 23.05 13.18
C TYR A 169 4.65 23.45 13.58
N PRO A 170 3.62 22.80 13.01
CA PRO A 170 3.65 21.73 12.01
C PRO A 170 3.56 22.22 10.58
N TYR A 171 3.63 23.53 10.34
CA TYR A 171 3.49 24.09 9.00
C TYR A 171 4.84 24.10 8.28
N GLN A 172 5.30 22.88 7.96
CA GLN A 172 6.58 22.68 7.29
C GLN A 172 6.34 21.86 6.03
N PRO A 173 6.67 22.38 4.85
CA PRO A 173 6.42 21.62 3.61
C PRO A 173 7.26 20.37 3.54
N LEU A 174 6.74 19.38 2.84
CA LEU A 174 7.41 18.10 2.64
C LEU A 174 8.17 18.13 1.31
N THR A 175 9.46 17.87 1.36
CA THR A 175 10.29 17.84 0.17
C THR A 175 10.38 16.42 -0.38
N THR A 176 10.86 16.31 -1.62
CA THR A 176 10.98 15.01 -2.27
C THR A 176 12.01 14.14 -1.56
N ASP A 177 13.14 14.73 -1.16
CA ASP A 177 14.19 13.97 -0.52
C ASP A 177 13.74 13.39 0.82
N LEU A 178 13.05 14.20 1.63
CA LEU A 178 12.57 13.73 2.92
C LEU A 178 11.55 12.61 2.75
N HIS A 179 10.63 12.76 1.80
CA HIS A 179 9.66 11.71 1.54
C HIS A 179 10.34 10.43 1.09
N TYR A 180 11.32 10.54 0.20
CA TYR A 180 12.05 9.36 -0.27
C TYR A 180 12.77 8.69 0.88
N TYR A 181 13.41 9.47 1.76
CA TYR A 181 14.13 8.91 2.90
C TYR A 181 13.18 8.15 3.82
N TYR A 182 12.05 8.78 4.18
CA TYR A 182 11.11 8.12 5.08
C TYR A 182 10.52 6.86 4.46
N ILE A 183 10.16 6.91 3.18
CA ILE A 183 9.58 5.75 2.53
C ILE A 183 10.61 4.62 2.43
N LEU A 184 11.87 4.96 2.12
CA LEU A 184 12.91 3.94 2.06
C LEU A 184 13.12 3.28 3.41
N GLU A 185 13.15 4.07 4.49
CA GLU A 185 13.34 3.50 5.83
C GLU A 185 12.18 2.59 6.20
N LEU A 186 10.95 3.05 5.95
CA LEU A 186 9.78 2.23 6.29
C LEU A 186 9.75 0.96 5.46
N SER A 187 10.13 1.06 4.18
CA SER A 187 10.18 -0.11 3.31
C SER A 187 11.22 -1.12 3.81
N PHE A 188 12.38 -0.63 4.23
CA PHE A 188 13.40 -1.53 4.75
C PHE A 188 12.93 -2.23 6.02
N TYR A 189 12.26 -1.50 6.92
CA TYR A 189 11.77 -2.13 8.13
C TYR A 189 10.67 -3.15 7.84
N TRP A 190 9.79 -2.85 6.88
CA TRP A 190 8.77 -3.82 6.49
C TRP A 190 9.39 -5.04 5.81
N SER A 191 10.47 -4.84 5.04
CA SER A 191 11.18 -5.97 4.45
C SER A 191 11.80 -6.85 5.53
N LEU A 192 12.36 -6.23 6.57
CA LEU A 192 12.87 -7.00 7.69
C LEU A 192 11.75 -7.77 8.39
N MET A 193 10.58 -7.15 8.54
CA MET A 193 9.44 -7.86 9.11
C MET A 193 9.04 -9.05 8.25
N PHE A 194 9.03 -8.88 6.92
CA PHE A 194 8.69 -9.98 6.03
C PHE A 194 9.71 -11.11 6.13
N SER A 195 11.00 -10.78 6.19
CA SER A 195 12.03 -11.80 6.29
C SER A 195 12.09 -12.44 7.68
N GLN A 196 11.54 -11.79 8.69
CA GLN A 196 11.55 -12.35 10.04
C GLN A 196 10.33 -13.22 10.33
N PHE A 197 9.14 -12.76 9.94
CA PHE A 197 7.91 -13.41 10.39
C PHE A 197 7.64 -14.71 9.65
N THR A 198 7.91 -14.77 8.35
CA THR A 198 7.48 -15.90 7.54
C THR A 198 8.60 -16.60 6.76
N ASP A 199 9.75 -15.95 6.54
CA ASP A 199 10.82 -16.59 5.79
C ASP A 199 11.33 -17.83 6.51
N ILE A 200 11.51 -17.74 7.82
CA ILE A 200 11.93 -18.88 8.63
C ILE A 200 11.28 -18.76 10.01
N LYS A 201 10.46 -19.74 10.37
CA LYS A 201 9.79 -19.76 11.66
C LYS A 201 10.66 -20.36 12.76
N ARG A 202 11.84 -20.87 12.43
CA ARG A 202 12.77 -21.38 13.44
C ARG A 202 13.71 -20.28 13.90
N LYS A 203 13.13 -19.15 14.30
CA LYS A 203 13.84 -17.97 14.74
C LYS A 203 13.37 -17.59 16.15
N ASP A 204 13.85 -16.45 16.63
CA ASP A 204 13.53 -15.96 17.97
C ASP A 204 12.81 -14.63 17.85
N PHE A 205 11.71 -14.50 18.59
CA PHE A 205 10.94 -13.26 18.68
C PHE A 205 11.24 -12.67 20.05
N GLY A 206 12.28 -11.83 20.11
CA GLY A 206 12.71 -11.26 21.38
C GLY A 206 12.92 -9.77 21.35
N ILE A 207 14.12 -9.33 21.76
CA ILE A 207 14.41 -7.91 21.83
C ILE A 207 14.40 -7.26 20.45
N MET A 208 14.97 -7.93 19.44
CA MET A 208 15.06 -7.32 18.12
C MET A 208 13.71 -7.20 17.43
N PHE A 209 12.70 -7.96 17.90
CA PHE A 209 11.37 -7.80 17.34
C PHE A 209 10.63 -6.65 18.00
N LEU A 210 10.77 -6.50 19.33
CA LEU A 210 10.20 -5.33 19.97
C LEU A 210 10.85 -4.07 19.41
N HIS A 211 12.16 -4.13 19.18
CA HIS A 211 12.88 -2.99 18.60
C HIS A 211 12.34 -2.66 17.21
N HIS A 212 12.12 -3.67 16.37
CA HIS A 212 11.56 -3.42 15.04
C HIS A 212 10.18 -2.78 15.15
N LEU A 213 9.31 -3.39 15.96
CA LEU A 213 7.95 -2.87 16.12
C LEU A 213 7.97 -1.42 16.57
N VAL A 214 8.83 -1.08 17.53
CA VAL A 214 8.92 0.29 18.02
C VAL A 214 9.42 1.23 16.92
N SER A 215 10.41 0.77 16.14
CA SER A 215 10.93 1.62 15.07
C SER A 215 9.86 1.91 14.02
N ILE A 216 9.08 0.90 13.62
CA ILE A 216 8.00 1.10 12.66
C ILE A 216 6.90 2.00 13.25
N PHE A 217 6.59 1.80 14.54
CA PHE A 217 5.65 2.68 15.23
C PHE A 217 6.10 4.13 15.16
N LEU A 218 7.37 4.39 15.51
CA LEU A 218 7.86 5.76 15.54
C LEU A 218 7.88 6.37 14.15
N ILE A 219 8.41 5.64 13.17
CA ILE A 219 8.52 6.18 11.81
C ILE A 219 7.14 6.51 11.25
N THR A 220 6.15 5.66 11.54
CA THR A 220 4.80 5.92 11.03
C THR A 220 4.16 7.10 11.75
N PHE A 221 4.18 7.10 13.08
CA PHE A 221 3.40 8.12 13.77
C PHE A 221 4.14 9.45 13.83
N SER A 222 5.42 9.48 13.47
CA SER A 222 6.11 10.74 13.26
C SER A 222 5.86 11.26 11.85
N TYR A 223 5.78 10.38 10.85
CA TYR A 223 5.49 10.85 9.51
C TYR A 223 4.07 11.41 9.42
N VAL A 224 3.09 10.72 10.02
CA VAL A 224 1.71 11.21 9.97
C VAL A 224 1.50 12.46 10.80
N ASN A 225 2.37 12.73 11.78
CA ASN A 225 2.26 13.91 12.63
C ASN A 225 3.12 15.07 12.13
N ASN A 226 3.73 14.94 10.96
CA ASN A 226 4.63 15.93 10.38
C ASN A 226 5.86 16.20 11.26
N MET A 227 6.22 15.26 12.12
CA MET A 227 7.48 15.33 12.86
C MET A 227 8.60 14.65 12.10
N ALA A 228 8.78 15.07 10.84
CA ALA A 228 9.75 14.45 9.96
C ALA A 228 11.12 15.12 10.01
N ARG A 229 11.21 16.35 10.50
CA ARG A 229 12.50 17.02 10.57
C ARG A 229 13.36 16.46 11.71
N VAL A 230 12.72 15.95 12.77
CA VAL A 230 13.46 15.37 13.89
C VAL A 230 13.64 13.86 13.74
N GLY A 231 12.82 13.20 12.94
CA GLY A 231 12.98 11.77 12.73
C GLY A 231 14.16 11.42 11.85
N THR A 232 14.50 12.31 10.91
CA THR A 232 15.66 12.06 10.05
C THR A 232 16.95 12.03 10.85
N LEU A 233 17.06 12.87 11.88
CA LEU A 233 18.25 12.85 12.73
C LEU A 233 18.40 11.49 13.41
N VAL A 234 17.30 10.97 13.97
CA VAL A 234 17.35 9.67 14.63
C VAL A 234 17.68 8.57 13.63
N LEU A 235 17.05 8.62 12.45
CA LEU A 235 17.29 7.59 11.43
C LEU A 235 18.74 7.57 10.98
N CYS A 236 19.34 8.75 10.79
CA CYS A 236 20.74 8.81 10.37
C CYS A 236 21.68 8.45 11.51
N LEU A 237 21.29 8.75 12.76
CA LEU A 237 22.16 8.45 13.88
C LEU A 237 22.21 6.95 14.18
N HIS A 238 21.06 6.28 14.14
CA HIS A 238 21.00 4.87 14.50
C HIS A 238 21.47 3.93 13.40
N ASP A 239 21.71 4.44 12.19
CA ASP A 239 22.21 3.62 11.10
C ASP A 239 23.71 3.77 10.88
N SER A 240 24.39 4.53 11.73
CA SER A 240 25.83 4.73 11.57
C SER A 240 26.62 3.49 11.97
N ALA A 241 26.22 2.84 13.07
CA ALA A 241 26.96 1.71 13.59
C ALA A 241 26.53 0.37 13.00
N ASP A 242 25.35 0.29 12.39
CA ASP A 242 24.88 -0.98 11.85
C ASP A 242 25.62 -1.40 10.59
N ALA A 243 26.42 -0.51 9.99
CA ALA A 243 27.17 -0.84 8.79
C ALA A 243 28.52 -1.48 9.09
N LEU A 244 28.93 -1.53 10.36
CA LEU A 244 30.20 -2.13 10.75
C LEU A 244 30.03 -3.52 11.36
N LEU A 245 28.91 -3.77 12.04
CA LEU A 245 28.67 -5.09 12.61
C LEU A 245 28.56 -6.14 11.52
N GLU A 246 27.91 -5.82 10.40
CA GLU A 246 27.80 -6.76 9.29
C GLU A 246 29.17 -7.06 8.68
N ALA A 247 30.01 -6.04 8.55
CA ALA A 247 31.37 -6.26 8.05
C ALA A 247 32.17 -7.12 9.01
N ALA A 248 32.00 -6.91 10.32
CA ALA A 248 32.67 -7.74 11.30
C ALA A 248 32.21 -9.19 11.21
N LYS A 249 30.90 -9.40 11.03
CA LYS A 249 30.38 -10.75 10.86
C LYS A 249 30.93 -11.41 9.60
N MET A 250 31.01 -10.66 8.50
CA MET A 250 31.58 -11.19 7.27
C MET A 250 33.03 -11.57 7.46
N ALA A 251 33.80 -10.72 8.15
CA ALA A 251 35.20 -11.04 8.41
C ALA A 251 35.33 -12.28 9.29
N ASN A 252 34.46 -12.41 10.29
CA ASN A 252 34.49 -13.61 11.14
C ASN A 252 34.18 -14.86 10.34
N TYR A 253 33.19 -14.80 9.46
CA TYR A 253 32.82 -15.97 8.67
C TYR A 253 33.91 -16.36 7.69
N ALA A 254 34.69 -15.40 7.21
CA ALA A 254 35.72 -15.65 6.22
C ALA A 254 37.06 -16.07 6.85
N LYS A 255 37.04 -16.56 8.09
CA LYS A 255 38.23 -17.03 8.79
C LYS A 255 39.27 -15.94 8.96
N PHE A 256 38.84 -14.68 8.98
CA PHE A 256 39.72 -13.52 9.19
C PHE A 256 39.47 -13.02 10.61
N GLN A 257 40.22 -13.58 11.56
CA GLN A 257 40.00 -13.23 12.97
C GLN A 257 40.48 -11.82 13.28
N LYS A 258 41.67 -11.45 12.81
CA LYS A 258 42.22 -10.12 13.12
C LYS A 258 41.34 -9.01 12.54
N MET A 259 40.93 -9.17 11.28
CA MET A 259 40.03 -8.19 10.68
C MET A 259 38.70 -8.14 11.42
N CYS A 260 38.19 -9.29 11.86
CA CYS A 260 36.95 -9.31 12.63
C CYS A 260 37.10 -8.56 13.93
N ASP A 261 38.22 -8.76 14.64
CA ASP A 261 38.44 -8.05 15.89
C ASP A 261 38.53 -6.55 15.67
N LEU A 262 39.27 -6.12 14.65
CA LEU A 262 39.40 -4.70 14.37
C LEU A 262 38.05 -4.08 14.03
N LEU A 263 37.29 -4.73 13.15
CA LEU A 263 35.98 -4.22 12.76
C LEU A 263 35.04 -4.18 13.95
N PHE A 264 35.08 -5.21 14.81
CA PHE A 264 34.19 -5.24 15.97
C PHE A 264 34.54 -4.17 16.99
N VAL A 265 35.83 -3.91 17.21
CA VAL A 265 36.19 -2.86 18.17
C VAL A 265 35.82 -1.49 17.63
N MET A 266 36.03 -1.26 16.32
CA MET A 266 35.59 -0.01 15.72
C MET A 266 34.08 0.15 15.81
N PHE A 267 33.34 -0.94 15.56
CA PHE A 267 31.89 -0.92 15.68
C PHE A 267 31.45 -0.61 17.10
N ALA A 268 32.13 -1.19 18.09
CA ALA A 268 31.81 -0.92 19.48
C ALA A 268 32.04 0.54 19.82
N VAL A 269 33.16 1.11 19.37
CA VAL A 269 33.45 2.51 19.65
C VAL A 269 32.38 3.40 19.02
N VAL A 270 32.07 3.16 17.75
CA VAL A 270 31.08 3.99 17.06
C VAL A 270 29.71 3.85 17.72
N PHE A 271 29.31 2.62 18.05
CA PHE A 271 28.02 2.38 18.68
C PHE A 271 27.90 3.10 20.01
N ILE A 272 28.91 2.96 20.87
CA ILE A 272 28.86 3.61 22.17
C ILE A 272 28.81 5.12 22.01
N THR A 273 29.69 5.67 21.16
CA THR A 273 29.74 7.13 21.01
C THR A 273 28.44 7.68 20.45
N THR A 274 27.86 7.03 19.45
CA THR A 274 26.67 7.57 18.81
C THR A 274 25.42 7.38 19.66
N ARG A 275 25.24 6.22 20.27
CA ARG A 275 24.00 5.90 20.95
C ARG A 275 24.06 6.04 22.46
N LEU A 276 25.17 6.55 23.01
CA LEU A 276 25.24 6.81 24.43
C LEU A 276 25.75 8.21 24.71
N GLY A 277 26.56 8.75 23.81
CA GLY A 277 27.14 10.07 23.99
C GLY A 277 26.46 11.16 23.19
N ILE A 278 26.15 10.87 21.93
CA ILE A 278 25.53 11.86 21.06
C ILE A 278 24.01 11.85 21.19
N PHE A 279 23.41 10.68 21.28
CA PHE A 279 21.94 10.59 21.31
C PHE A 279 21.34 11.31 22.51
N PRO A 280 21.72 11.01 23.77
CA PRO A 280 21.08 11.71 24.90
C PRO A 280 21.32 13.20 24.93
N LEU A 281 22.44 13.66 24.40
CA LEU A 281 22.80 15.07 24.46
C LEU A 281 22.32 15.85 23.25
N TRP A 282 21.87 15.18 22.19
CA TRP A 282 21.38 15.85 20.99
C TRP A 282 19.89 15.61 20.76
N VAL A 283 19.47 14.36 20.62
CA VAL A 283 18.09 14.09 20.24
C VAL A 283 17.17 14.25 21.43
N LEU A 284 17.53 13.68 22.58
CA LEU A 284 16.73 13.89 23.78
C LEU A 284 16.76 15.35 24.21
N ASN A 285 17.86 16.04 23.93
CA ASN A 285 17.92 17.47 24.25
C ASN A 285 16.94 18.26 23.40
N THR A 286 16.92 18.03 22.09
CA THR A 286 16.01 18.77 21.22
C THR A 286 14.57 18.29 21.33
N THR A 287 14.33 17.13 21.93
CA THR A 287 12.97 16.61 22.06
C THR A 287 12.34 16.98 23.39
N LEU A 288 13.07 16.81 24.49
CA LEU A 288 12.51 17.05 25.82
C LEU A 288 12.36 18.53 26.10
N PHE A 289 13.39 19.33 25.81
CA PHE A 289 13.45 20.71 26.26
C PHE A 289 13.05 21.71 25.17
N GLU A 290 13.72 21.68 24.02
CA GLU A 290 13.46 22.66 22.98
C GLU A 290 12.03 22.57 22.47
N SER A 291 11.53 21.34 22.27
CA SER A 291 10.15 21.17 21.82
C SER A 291 9.17 21.74 22.84
N TRP A 292 9.43 21.52 24.13
CA TRP A 292 8.55 22.04 25.15
C TRP A 292 8.48 23.56 25.13
N GLU A 293 9.61 24.22 24.96
CA GLU A 293 9.65 25.68 25.01
C GLU A 293 9.29 26.34 23.69
N ILE A 294 9.25 25.60 22.58
CA ILE A 294 8.92 26.17 21.28
C ILE A 294 7.49 25.84 20.87
N VAL A 295 7.11 24.57 20.92
CA VAL A 295 5.77 24.17 20.50
C VAL A 295 4.76 24.28 21.64
N GLY A 296 5.21 24.13 22.88
CA GLY A 296 4.32 24.13 24.02
C GLY A 296 3.88 22.74 24.40
N PRO A 297 3.02 22.64 25.42
CA PRO A 297 2.57 21.31 25.87
C PRO A 297 1.48 20.74 24.99
N TYR A 298 1.68 19.52 24.52
CA TYR A 298 0.68 18.78 23.77
C TYR A 298 0.72 17.33 24.22
N PRO A 299 -0.42 16.63 24.16
CA PRO A 299 -0.47 15.27 24.74
C PRO A 299 0.46 14.27 24.06
N SER A 300 0.49 14.26 22.72
CA SER A 300 1.29 13.28 22.00
C SER A 300 2.76 13.30 22.40
N TRP A 301 3.25 14.47 22.84
CA TRP A 301 4.62 14.56 23.35
C TRP A 301 4.88 13.51 24.41
N TRP A 302 3.98 13.43 25.41
CA TRP A 302 4.17 12.49 26.51
C TRP A 302 4.30 11.06 26.01
N VAL A 303 3.73 10.75 24.85
CA VAL A 303 3.94 9.44 24.25
C VAL A 303 5.35 9.34 23.67
N PHE A 304 5.65 10.22 22.71
CA PHE A 304 6.81 10.00 21.85
C PHE A 304 8.10 9.91 22.67
N ASN A 305 8.32 10.88 23.56
CA ASN A 305 9.52 10.87 24.39
C ASN A 305 9.70 9.53 25.08
N LEU A 306 8.62 9.01 25.69
CA LEU A 306 8.72 7.72 26.38
C LEU A 306 9.29 6.66 25.45
N LEU A 307 8.73 6.55 24.25
CA LEU A 307 9.23 5.55 23.31
C LEU A 307 10.71 5.76 23.03
N LEU A 308 11.12 7.00 22.81
CA LEU A 308 12.53 7.28 22.61
C LEU A 308 13.35 6.80 23.80
N LEU A 309 12.88 7.11 25.01
CA LEU A 309 13.56 6.62 26.20
C LEU A 309 13.63 5.10 26.18
N LEU A 310 12.51 4.45 25.84
CA LEU A 310 12.52 2.99 25.70
C LEU A 310 13.63 2.55 24.76
N VAL A 311 13.71 3.17 23.58
CA VAL A 311 14.76 2.82 22.63
C VAL A 311 16.12 2.96 23.30
N GLN A 312 16.35 4.09 23.98
CA GLN A 312 17.60 4.29 24.68
C GLN A 312 17.89 3.12 25.61
N GLY A 313 16.89 2.74 26.42
CA GLY A 313 17.09 1.63 27.33
C GLY A 313 17.53 0.37 26.60
N LEU A 314 16.84 0.05 25.50
CA LEU A 314 17.21 -1.12 24.72
C LEU A 314 18.68 -1.03 24.30
N ASN A 315 19.08 0.13 23.77
CA ASN A 315 20.46 0.27 23.32
C ASN A 315 21.43 0.20 24.47
N CYS A 316 21.04 0.66 25.67
CA CYS A 316 21.86 0.44 26.85
C CYS A 316 22.08 -1.04 27.07
N PHE A 317 21.00 -1.83 26.96
CA PHE A 317 21.15 -3.27 27.10
C PHE A 317 22.16 -3.80 26.08
N TRP A 318 22.03 -3.34 24.82
CA TRP A 318 22.98 -3.79 23.80
C TRP A 318 24.41 -3.41 24.18
N SER A 319 24.59 -2.22 24.76
CA SER A 319 25.93 -1.83 25.19
C SER A 319 26.52 -2.86 26.14
N TYR A 320 25.70 -3.36 27.07
CA TYR A 320 26.15 -4.43 27.95
C TYR A 320 26.65 -5.61 27.14
N LEU A 321 25.83 -6.09 26.19
CA LEU A 321 26.22 -7.25 25.41
C LEU A 321 27.46 -6.99 24.58
N ILE A 322 27.82 -5.72 24.39
CA ILE A 322 29.05 -5.40 23.69
C ILE A 322 30.21 -5.30 24.65
N VAL A 323 30.00 -4.67 25.82
CA VAL A 323 31.13 -4.25 26.66
C VAL A 323 31.90 -5.47 27.16
N LYS A 324 31.22 -6.59 27.37
CA LYS A 324 31.93 -7.81 27.74
C LYS A 324 32.64 -8.42 26.54
N ILE A 325 31.95 -8.49 25.39
CA ILE A 325 32.52 -9.16 24.21
C ILE A 325 33.77 -8.43 23.75
N ALA A 326 33.72 -7.10 23.72
CA ALA A 326 34.90 -6.32 23.37
C ALA A 326 36.05 -6.61 24.33
N CYS A 327 35.73 -6.88 25.60
CA CYS A 327 36.78 -7.25 26.55
C CYS A 327 37.47 -8.53 26.11
N LYS A 328 36.72 -9.48 25.56
CA LYS A 328 37.34 -10.68 25.01
C LYS A 328 38.12 -10.37 23.74
N ALA A 329 37.73 -9.33 23.02
CA ALA A 329 38.39 -8.99 21.76
C ALA A 329 39.72 -8.26 21.97
N VAL A 330 39.98 -7.76 23.17
CA VAL A 330 41.22 -7.04 23.44
C VAL A 330 42.40 -8.00 23.49
N GLN B 1 -1.05 34.75 0.78
CA GLN B 1 -2.42 34.39 0.44
C GLN B 1 -3.42 35.13 1.32
N VAL B 2 -2.95 36.19 1.98
CA VAL B 2 -3.77 37.00 2.87
C VAL B 2 -3.62 38.47 2.49
N GLN B 3 -4.60 39.26 2.89
CA GLN B 3 -4.60 40.70 2.67
C GLN B 3 -4.30 41.39 3.99
N LEU B 4 -3.27 42.23 4.00
CA LEU B 4 -2.79 42.89 5.21
C LEU B 4 -3.09 44.38 5.14
N VAL B 5 -3.68 44.91 6.21
CA VAL B 5 -3.98 46.34 6.33
C VAL B 5 -3.33 46.83 7.61
N GLU B 6 -2.57 47.92 7.51
CA GLU B 6 -1.85 48.46 8.65
C GLU B 6 -2.53 49.70 9.19
N SER B 7 -2.26 49.98 10.46
CA SER B 7 -2.82 51.14 11.14
C SER B 7 -1.89 51.54 12.28
N GLY B 8 -2.25 52.61 12.97
CA GLY B 8 -1.50 53.12 14.09
C GLY B 8 -0.38 54.07 13.73
N GLY B 9 -0.17 54.34 12.44
CA GLY B 9 0.89 55.24 12.03
C GLY B 9 0.56 56.70 12.34
N GLY B 10 1.61 57.51 12.40
CA GLY B 10 1.45 58.91 12.69
C GLY B 10 2.77 59.56 13.05
N LEU B 11 2.68 60.77 13.58
CA LEU B 11 3.83 61.55 13.99
C LEU B 11 3.77 61.79 15.49
N VAL B 12 4.89 61.54 16.18
CA VAL B 12 4.97 61.67 17.62
C VAL B 12 6.26 62.40 17.97
N GLN B 13 6.29 62.94 19.19
CA GLN B 13 7.48 63.63 19.68
C GLN B 13 8.61 62.64 19.97
N ALA B 14 9.79 63.18 20.24
CA ALA B 14 10.95 62.35 20.50
C ALA B 14 10.75 61.55 21.79
N GLU B 15 11.35 60.35 21.81
CA GLU B 15 11.26 59.44 22.94
C GLU B 15 9.80 59.11 23.27
N GLY B 16 8.99 58.96 22.22
CA GLY B 16 7.60 58.61 22.36
C GLY B 16 7.36 57.13 22.29
N SER B 17 6.08 56.76 22.18
CA SER B 17 5.67 55.37 22.10
C SER B 17 4.58 55.23 21.05
N LEU B 18 4.72 54.21 20.21
CA LEU B 18 3.76 53.94 19.15
C LEU B 18 3.40 52.46 19.16
N ARG B 19 2.21 52.14 18.67
CA ARG B 19 1.72 50.77 18.59
C ARG B 19 1.11 50.56 17.20
N LEU B 20 1.91 50.01 16.29
CA LEU B 20 1.44 49.73 14.94
C LEU B 20 0.69 48.41 14.90
N SER B 21 -0.42 48.39 14.18
CA SER B 21 -1.27 47.22 14.07
C SER B 21 -1.34 46.74 12.63
N CYS B 22 -1.33 45.42 12.44
CA CYS B 22 -1.43 44.81 11.12
C CYS B 22 -2.51 43.73 11.18
N ALA B 23 -3.60 43.95 10.45
CA ALA B 23 -4.75 43.06 10.46
C ALA B 23 -4.89 42.33 9.13
N ALA B 24 -5.38 41.10 9.20
CA ALA B 24 -5.58 40.27 8.02
C ALA B 24 -7.03 39.83 7.94
N SER B 25 -7.57 39.82 6.72
CA SER B 25 -8.96 39.42 6.47
C SER B 25 -8.95 37.98 5.94
N GLY B 26 -8.89 37.04 6.88
CA GLY B 26 -8.89 35.64 6.52
C GLY B 26 -8.72 34.78 7.75
N ARG B 27 -8.97 33.48 7.57
CA ARG B 27 -8.85 32.50 8.63
C ARG B 27 -7.49 31.81 8.66
N THR B 28 -6.57 32.19 7.78
CA THR B 28 -5.25 31.59 7.71
C THR B 28 -4.17 32.48 8.30
N PHE B 29 -4.54 33.55 9.00
CA PHE B 29 -3.56 34.42 9.63
C PHE B 29 -2.79 33.71 10.73
N ARG B 30 -3.37 32.66 11.32
CA ARG B 30 -2.73 31.95 12.42
C ARG B 30 -1.74 30.89 11.95
N THR B 31 -1.55 30.73 10.64
CA THR B 31 -0.66 29.71 10.10
C THR B 31 0.52 30.31 9.34
N TYR B 32 0.78 31.60 9.52
CA TYR B 32 1.90 32.27 8.86
C TYR B 32 2.72 33.05 9.87
N GLY B 33 4.01 33.17 9.58
CA GLY B 33 4.90 33.95 10.42
C GLY B 33 4.99 35.39 9.95
N MET B 34 4.54 36.32 10.78
CA MET B 34 4.45 37.72 10.38
C MET B 34 5.78 38.43 10.60
N GLY B 35 5.90 39.61 9.98
CA GLY B 35 7.12 40.38 10.10
C GLY B 35 6.88 41.84 9.78
N TRP B 36 7.74 42.69 10.34
CA TRP B 36 7.69 44.13 10.14
C TRP B 36 9.03 44.61 9.61
N PHE B 37 8.98 45.42 8.55
CA PHE B 37 10.15 46.00 7.90
C PHE B 37 10.03 47.53 7.92
N ARG B 38 11.17 48.20 7.80
CA ARG B 38 11.22 49.64 7.72
C ARG B 38 11.90 50.08 6.44
N GLN B 39 11.55 51.29 5.99
CA GLN B 39 12.18 51.89 4.81
C GLN B 39 12.42 53.36 5.12
N ALA B 40 13.69 53.72 5.35
CA ALA B 40 14.08 55.09 5.60
C ALA B 40 14.27 55.84 4.29
N PRO B 41 14.25 57.18 4.33
CA PRO B 41 14.58 57.95 3.13
C PRO B 41 15.96 57.59 2.61
N GLY B 42 16.01 57.11 1.36
CA GLY B 42 17.25 56.63 0.79
C GLY B 42 17.57 55.21 1.22
N LYS B 43 18.72 54.73 0.75
CA LYS B 43 19.22 53.37 1.04
C LYS B 43 18.16 52.38 0.55
N GLU B 44 17.75 51.41 1.37
CA GLU B 44 16.76 50.43 0.95
C GLU B 44 16.00 49.97 2.18
N ARG B 45 15.14 48.97 2.00
CA ARG B 45 14.36 48.43 3.11
C ARG B 45 15.26 47.72 4.11
N GLU B 46 14.87 47.79 5.38
CA GLU B 46 15.61 47.14 6.45
C GLU B 46 14.67 46.26 7.27
N PHE B 47 15.23 45.20 7.84
CA PHE B 47 14.47 44.30 8.68
C PHE B 47 14.32 44.88 10.08
N VAL B 48 13.13 44.76 10.65
CA VAL B 48 12.83 45.26 11.99
C VAL B 48 12.50 44.12 12.95
N ALA B 49 11.47 43.33 12.65
CA ALA B 49 11.07 42.28 13.57
C ALA B 49 10.34 41.19 12.82
N ALA B 50 10.23 40.02 13.45
CA ALA B 50 9.42 38.94 12.89
C ALA B 50 9.11 37.93 13.98
N LEU B 51 8.08 37.11 13.72
CA LEU B 51 7.70 36.06 14.64
C LEU B 51 6.93 34.99 13.87
N ASN B 52 6.88 33.80 14.46
CA ASN B 52 6.23 32.66 13.83
C ASN B 52 4.73 32.69 14.10
N TRP B 53 4.03 31.61 13.72
CA TRP B 53 2.58 31.60 13.80
C TRP B 53 2.08 31.58 15.25
N SER B 54 2.74 30.82 16.11
CA SER B 54 2.30 30.71 17.50
C SER B 54 2.69 31.93 18.33
N GLY B 55 3.68 32.70 17.90
CA GLY B 55 4.13 33.85 18.66
C GLY B 55 5.07 33.53 19.80
N SER B 56 5.45 32.26 19.97
CA SER B 56 6.36 31.91 21.06
C SER B 56 7.77 32.40 20.79
N SER B 57 8.20 32.39 19.52
CA SER B 57 9.54 32.79 19.13
C SER B 57 9.46 34.08 18.33
N THR B 58 10.19 35.10 18.79
CA THR B 58 10.26 36.39 18.12
C THR B 58 11.72 36.78 17.96
N TYR B 59 12.05 37.39 16.82
CA TYR B 59 13.41 37.85 16.60
C TYR B 59 13.40 39.22 15.93
N TYR B 60 14.28 40.11 16.41
CA TYR B 60 14.37 41.48 15.98
C TYR B 60 15.70 41.73 15.27
N ALA B 61 15.96 42.98 14.93
CA ALA B 61 17.22 43.40 14.35
C ALA B 61 18.20 43.80 15.45
N ASP B 62 19.48 43.90 15.08
CA ASP B 62 20.51 44.23 16.06
C ASP B 62 20.33 45.64 16.59
N SER B 63 19.99 46.60 15.71
CA SER B 63 19.91 47.99 16.11
C SER B 63 18.61 48.36 16.81
N VAL B 64 17.60 47.48 16.78
CA VAL B 64 16.30 47.77 17.38
C VAL B 64 15.98 46.86 18.55
N LYS B 65 16.83 45.89 18.86
CA LYS B 65 16.52 44.95 19.92
C LYS B 65 16.57 45.64 21.28
N GLY B 66 15.59 45.31 22.13
CA GLY B 66 15.46 45.90 23.44
C GLY B 66 14.48 47.04 23.52
N ARG B 67 14.06 47.60 22.39
CA ARG B 67 13.08 48.68 22.38
C ARG B 67 11.77 48.32 21.70
N PHE B 68 11.79 47.46 20.67
CA PHE B 68 10.59 47.06 19.96
C PHE B 68 10.12 45.70 20.44
N THR B 69 8.80 45.55 20.57
CA THR B 69 8.20 44.28 20.97
C THR B 69 7.13 43.92 19.96
N ILE B 70 7.23 42.73 19.37
CA ILE B 70 6.29 42.26 18.36
C ILE B 70 5.48 41.12 18.96
N SER B 71 4.16 41.19 18.78
CA SER B 71 3.26 40.17 19.31
C SER B 71 2.13 39.95 18.33
N ARG B 72 1.29 38.95 18.62
CA ARG B 72 0.19 38.62 17.73
C ARG B 72 -0.99 38.14 18.55
N ASP B 73 -2.18 38.26 17.95
CA ASP B 73 -3.43 37.79 18.54
C ASP B 73 -4.17 37.02 17.45
N ASN B 74 -4.17 35.70 17.57
CA ASN B 74 -4.83 34.86 16.58
C ASN B 74 -6.35 34.90 16.71
N ALA B 75 -6.86 35.17 17.91
CA ALA B 75 -8.30 35.30 18.08
C ALA B 75 -8.84 36.48 17.29
N LYS B 76 -8.14 37.61 17.31
CA LYS B 76 -8.53 38.80 16.56
C LYS B 76 -7.90 38.86 15.17
N ASN B 77 -7.05 37.91 14.82
CA ASN B 77 -6.34 37.91 13.53
C ASN B 77 -5.57 39.20 13.31
N THR B 78 -4.65 39.49 14.22
CA THR B 78 -3.92 40.75 14.15
C THR B 78 -2.52 40.59 14.73
N ALA B 79 -1.65 41.53 14.40
CA ALA B 79 -0.30 41.61 14.94
C ALA B 79 -0.02 43.02 15.42
N TYR B 80 0.76 43.13 16.49
CA TYR B 80 1.06 44.41 17.13
C TYR B 80 2.56 44.60 17.22
N LEU B 81 3.00 45.84 17.04
CA LEU B 81 4.39 46.24 17.21
C LEU B 81 4.43 47.46 18.12
N GLN B 82 5.01 47.30 19.30
CA GLN B 82 5.10 48.35 20.30
C GLN B 82 6.52 48.92 20.34
N MET B 83 6.63 50.24 20.31
CA MET B 83 7.91 50.93 20.31
C MET B 83 8.10 51.69 21.61
N ASN B 84 9.28 51.57 22.21
CA ASN B 84 9.64 52.27 23.42
C ASN B 84 10.95 53.00 23.22
N SER B 85 11.02 54.24 23.75
CA SER B 85 12.20 55.09 23.65
C SER B 85 12.59 55.30 22.18
N LEU B 86 11.70 55.97 21.46
CA LEU B 86 11.92 56.22 20.04
C LEU B 86 13.11 57.15 19.83
N LYS B 87 13.72 57.03 18.67
CA LYS B 87 14.88 57.81 18.26
C LYS B 87 14.58 58.47 16.93
N PRO B 88 15.27 59.58 16.62
CA PRO B 88 15.03 60.26 15.34
C PRO B 88 15.30 59.38 14.12
N GLU B 89 16.17 58.38 14.26
CA GLU B 89 16.47 57.47 13.15
C GLU B 89 15.32 56.54 12.81
N ASP B 90 14.27 56.50 13.64
CA ASP B 90 13.14 55.60 13.43
C ASP B 90 12.10 56.17 12.47
N THR B 91 12.27 57.41 12.01
CA THR B 91 11.34 58.01 11.05
C THR B 91 11.48 57.30 9.71
N ALA B 92 10.46 56.53 9.33
CA ALA B 92 10.52 55.71 8.13
C ALA B 92 9.12 55.22 7.81
N VAL B 93 8.98 54.55 6.66
CA VAL B 93 7.73 53.92 6.26
C VAL B 93 7.79 52.45 6.66
N TYR B 94 6.78 52.01 7.41
CA TYR B 94 6.78 50.66 7.98
C TYR B 94 5.84 49.76 7.18
N TYR B 95 6.31 48.55 6.89
CA TYR B 95 5.58 47.58 6.08
C TYR B 95 5.38 46.30 6.88
N CYS B 96 4.22 45.67 6.68
CA CYS B 96 3.87 44.41 7.32
C CYS B 96 3.86 43.31 6.27
N ALA B 97 4.54 42.19 6.55
CA ALA B 97 4.66 41.11 5.59
C ALA B 97 4.49 39.78 6.32
N ALA B 98 4.71 38.68 5.60
CA ALA B 98 4.51 37.35 6.14
C ALA B 98 5.40 36.37 5.39
N LEU B 99 5.96 35.41 6.13
CA LEU B 99 6.75 34.35 5.52
C LEU B 99 5.91 33.56 4.52
N ARG B 100 6.50 33.23 3.38
CA ARG B 100 5.76 32.61 2.29
C ARG B 100 5.80 31.09 2.35
N ARG B 101 5.53 30.55 3.54
CA ARG B 101 5.22 29.13 3.72
C ARG B 101 6.42 28.23 3.40
N LYS B 102 7.50 28.82 2.89
CA LYS B 102 8.66 28.01 2.49
C LYS B 102 9.96 28.58 3.05
N ALA B 103 10.00 29.88 3.30
CA ALA B 103 11.18 30.48 3.89
C ALA B 103 11.35 29.99 5.33
N GLU B 104 12.56 29.62 5.69
CA GLU B 104 12.84 29.12 7.03
C GLU B 104 12.76 30.26 8.05
N TYR B 105 12.48 29.88 9.30
CA TYR B 105 12.43 30.85 10.37
C TYR B 105 13.79 31.51 10.56
N GLY B 106 13.77 32.81 10.85
CA GLY B 106 14.98 33.58 10.99
C GLY B 106 15.42 34.33 9.75
N SER B 107 14.65 34.25 8.66
CA SER B 107 15.01 34.95 7.44
C SER B 107 14.93 36.47 7.64
N ARG B 108 15.87 37.18 7.04
CA ARG B 108 15.96 38.64 7.18
C ARG B 108 16.15 39.29 5.81
N SER B 109 15.46 38.77 4.79
CA SER B 109 15.59 39.25 3.44
C SER B 109 14.22 39.61 2.88
N ILE B 110 14.20 40.57 1.95
CA ILE B 110 12.94 41.03 1.38
C ILE B 110 12.26 39.90 0.60
N ALA B 111 13.05 39.12 -0.15
CA ALA B 111 12.50 38.09 -1.02
C ALA B 111 11.81 36.96 -0.27
N ASP B 112 12.01 36.85 1.05
CA ASP B 112 11.40 35.78 1.83
C ASP B 112 9.97 36.08 2.28
N PHE B 113 9.46 37.28 2.00
CA PHE B 113 8.12 37.67 2.43
C PHE B 113 7.29 38.04 1.20
N ASP B 114 6.15 37.38 1.05
CA ASP B 114 5.31 37.53 -0.14
C ASP B 114 4.21 38.58 0.04
N SER B 115 3.34 38.38 1.02
CA SER B 115 2.15 39.22 1.17
C SER B 115 2.55 40.53 1.86
N TRP B 116 2.82 41.55 1.04
CA TRP B 116 3.18 42.86 1.55
C TRP B 116 1.93 43.68 1.84
N SER B 117 2.15 44.95 2.21
CA SER B 117 1.04 45.83 2.57
C SER B 117 1.42 47.26 2.21
N LYS B 118 0.43 48.15 2.34
CA LYS B 118 0.64 49.55 1.98
C LYS B 118 1.68 50.22 2.88
N GLY B 119 1.63 49.96 4.18
CA GLY B 119 2.57 50.55 5.11
C GLY B 119 2.12 51.91 5.62
N THR B 120 2.73 52.32 6.74
CA THR B 120 2.38 53.59 7.35
C THR B 120 3.64 54.40 7.65
N PRO B 121 3.59 55.73 7.47
CA PRO B 121 4.75 56.56 7.80
C PRO B 121 4.79 56.88 9.30
N VAL B 122 5.99 56.81 9.86
CA VAL B 122 6.23 57.15 11.27
C VAL B 122 7.31 58.21 11.31
N THR B 123 7.01 59.33 11.97
CA THR B 123 7.92 60.46 12.08
C THR B 123 8.14 60.78 13.54
N VAL B 124 9.41 60.92 13.94
CA VAL B 124 9.75 61.22 15.33
C VAL B 124 9.92 62.73 15.49
N GLN C 1 -25.31 18.69 -14.88
CA GLN C 1 -24.25 19.67 -14.69
C GLN C 1 -24.00 20.45 -15.98
N VAL C 2 -24.97 20.39 -16.91
CA VAL C 2 -24.87 21.07 -18.18
C VAL C 2 -26.14 21.87 -18.41
N GLN C 3 -26.04 22.87 -19.28
CA GLN C 3 -27.17 23.71 -19.67
C GLN C 3 -27.62 23.31 -21.06
N LEU C 4 -28.90 22.97 -21.20
CA LEU C 4 -29.45 22.47 -22.46
C LEU C 4 -30.40 23.50 -23.05
N VAL C 5 -30.21 23.80 -24.34
CA VAL C 5 -31.07 24.72 -25.08
C VAL C 5 -31.60 23.98 -26.30
N GLU C 6 -32.91 24.00 -26.49
CA GLU C 6 -33.54 23.29 -27.58
C GLU C 6 -33.94 24.24 -28.70
N SER C 7 -34.08 23.67 -29.90
CA SER C 7 -34.45 24.43 -31.08
C SER C 7 -35.11 23.47 -32.08
N GLY C 8 -35.55 24.04 -33.20
CA GLY C 8 -36.19 23.28 -34.26
C GLY C 8 -37.68 23.08 -34.10
N GLY C 9 -38.27 23.59 -33.01
CA GLY C 9 -39.69 23.43 -32.80
C GLY C 9 -40.52 24.31 -33.72
N GLY C 10 -41.77 23.92 -33.89
CA GLY C 10 -42.67 24.67 -34.75
C GLY C 10 -43.92 23.85 -35.07
N LEU C 11 -44.66 24.35 -36.05
CA LEU C 11 -45.90 23.73 -36.50
C LEU C 11 -45.74 23.30 -37.96
N VAL C 12 -46.11 22.05 -38.24
CA VAL C 12 -45.98 21.48 -39.58
C VAL C 12 -47.27 20.74 -39.92
N GLN C 13 -47.46 20.51 -41.22
CA GLN C 13 -48.62 19.79 -41.71
C GLN C 13 -48.52 18.30 -41.35
N ALA C 14 -49.62 17.59 -41.57
CA ALA C 14 -49.67 16.17 -41.24
C ALA C 14 -48.70 15.38 -42.11
N GLU C 15 -48.17 14.31 -41.53
CA GLU C 15 -47.19 13.44 -42.20
C GLU C 15 -45.97 14.24 -42.63
N GLY C 16 -45.55 15.18 -41.80
CA GLY C 16 -44.39 16.01 -42.06
C GLY C 16 -43.13 15.43 -41.45
N SER C 17 -42.08 16.25 -41.46
CA SER C 17 -40.79 15.86 -40.91
C SER C 17 -40.21 17.02 -40.12
N LEU C 18 -39.69 16.73 -38.94
CA LEU C 18 -39.10 17.73 -38.06
C LEU C 18 -37.76 17.22 -37.55
N ARG C 19 -36.87 18.15 -37.23
CA ARG C 19 -35.55 17.83 -36.69
C ARG C 19 -35.29 18.74 -35.50
N LEU C 20 -35.55 18.21 -34.30
CA LEU C 20 -35.32 18.96 -33.08
C LEU C 20 -33.86 18.85 -32.66
N SER C 21 -33.29 19.97 -32.22
CA SER C 21 -31.89 20.03 -31.82
C SER C 21 -31.78 20.42 -30.35
N CYS C 22 -30.84 19.79 -29.64
CA CYS C 22 -30.57 20.08 -28.24
C CYS C 22 -29.08 20.31 -28.07
N ALA C 23 -28.70 21.54 -27.73
CA ALA C 23 -27.30 21.92 -27.61
C ALA C 23 -26.93 22.18 -26.16
N ALA C 24 -25.69 21.87 -25.82
CA ALA C 24 -25.16 22.06 -24.47
C ALA C 24 -23.93 22.97 -24.50
N SER C 25 -23.84 23.85 -23.51
CA SER C 25 -22.71 24.78 -23.40
C SER C 25 -21.74 24.24 -22.36
N GLY C 26 -20.89 23.33 -22.80
CA GLY C 26 -19.90 22.74 -21.91
C GLY C 26 -19.12 21.66 -22.64
N ARG C 27 -18.03 21.25 -22.00
CA ARG C 27 -17.16 20.22 -22.53
C ARG C 27 -17.48 18.82 -22.02
N THR C 28 -18.52 18.68 -21.20
CA THR C 28 -18.92 17.40 -20.63
C THR C 28 -20.15 16.82 -21.30
N PHE C 29 -20.58 17.39 -22.44
CA PHE C 29 -21.73 16.84 -23.15
C PHE C 29 -21.45 15.45 -23.69
N ARG C 30 -20.19 15.11 -23.92
CA ARG C 30 -19.84 13.81 -24.49
C ARG C 30 -19.76 12.70 -23.45
N THR C 31 -20.02 13.00 -22.17
CA THR C 31 -19.91 12.01 -21.10
C THR C 31 -21.25 11.75 -20.44
N TYR C 32 -22.36 12.14 -21.06
CA TYR C 32 -23.70 11.93 -20.52
C TYR C 32 -24.60 11.31 -21.57
N GLY C 33 -25.56 10.51 -21.12
CA GLY C 33 -26.54 9.93 -21.99
C GLY C 33 -27.77 10.80 -22.13
N MET C 34 -28.02 11.30 -23.34
CA MET C 34 -29.10 12.25 -23.57
C MET C 34 -30.43 11.54 -23.78
N GLY C 35 -31.50 12.31 -23.69
CA GLY C 35 -32.83 11.75 -23.85
C GLY C 35 -33.84 12.82 -24.21
N TRP C 36 -34.90 12.39 -24.88
CA TRP C 36 -36.00 13.27 -25.29
C TRP C 36 -37.31 12.72 -24.75
N PHE C 37 -38.09 13.60 -24.14
CA PHE C 37 -39.40 13.30 -23.56
C PHE C 37 -40.46 14.17 -24.21
N ARG C 38 -41.71 13.71 -24.15
CA ARG C 38 -42.84 14.46 -24.66
C ARG C 38 -43.86 14.70 -23.54
N GLN C 39 -44.64 15.76 -23.70
CA GLN C 39 -45.71 16.10 -22.77
C GLN C 39 -46.91 16.55 -23.59
N ALA C 40 -47.92 15.69 -23.68
CA ALA C 40 -49.14 16.01 -24.38
C ALA C 40 -50.09 16.79 -23.47
N PRO C 41 -51.07 17.48 -24.05
CA PRO C 41 -52.11 18.13 -23.22
C PRO C 41 -52.82 17.11 -22.34
N GLY C 42 -52.73 17.32 -21.03
CA GLY C 42 -53.26 16.36 -20.07
C GLY C 42 -52.31 15.21 -19.83
N LYS C 43 -52.77 14.28 -18.98
CA LYS C 43 -52.01 13.08 -18.60
C LYS C 43 -50.69 13.56 -17.97
N GLU C 44 -49.55 13.03 -18.39
CA GLU C 44 -48.26 13.43 -17.82
C GLU C 44 -47.19 13.27 -18.89
N ARG C 45 -45.94 13.46 -18.49
CA ARG C 45 -44.82 13.32 -19.41
C ARG C 45 -44.65 11.87 -19.85
N GLU C 46 -44.21 11.69 -21.09
CA GLU C 46 -43.98 10.36 -21.65
C GLU C 46 -42.56 10.28 -22.20
N PHE C 47 -42.01 9.08 -22.17
CA PHE C 47 -40.67 8.84 -22.72
C PHE C 47 -40.74 8.69 -24.23
N VAL C 48 -39.79 9.30 -24.93
CA VAL C 48 -39.70 9.25 -26.38
C VAL C 48 -38.46 8.51 -26.84
N ALA C 49 -37.28 8.99 -26.46
CA ALA C 49 -36.05 8.37 -26.96
C ALA C 49 -34.91 8.66 -25.98
N ALA C 50 -33.84 7.88 -26.10
CA ALA C 50 -32.64 8.14 -25.32
C ALA C 50 -31.47 7.41 -25.95
N LEU C 51 -30.26 7.86 -25.59
CA LEU C 51 -29.04 7.23 -26.06
C LEU C 51 -27.91 7.55 -25.10
N ASN C 52 -26.86 6.73 -25.15
CA ASN C 52 -25.72 6.87 -24.26
C ASN C 52 -24.75 7.91 -24.81
N TRP C 53 -23.58 8.03 -24.18
CA TRP C 53 -22.64 9.09 -24.53
C TRP C 53 -22.03 8.86 -25.91
N SER C 54 -21.69 7.61 -26.24
CA SER C 54 -21.06 7.34 -27.53
C SER C 54 -22.04 7.34 -28.70
N GLY C 55 -23.34 7.19 -28.42
CA GLY C 55 -24.34 7.14 -29.48
C GLY C 55 -24.46 5.82 -30.18
N SER C 56 -23.71 4.80 -29.75
CA SER C 56 -23.80 3.49 -30.40
C SER C 56 -25.11 2.78 -30.08
N SER C 57 -25.62 2.97 -28.86
CA SER C 57 -26.84 2.33 -28.41
C SER C 57 -27.93 3.39 -28.22
N THR C 58 -29.06 3.19 -28.90
CA THR C 58 -30.21 4.08 -28.80
C THR C 58 -31.45 3.25 -28.53
N TYR C 59 -32.34 3.77 -27.69
CA TYR C 59 -33.60 3.09 -27.41
C TYR C 59 -34.75 4.08 -27.36
N TYR C 60 -35.87 3.69 -27.98
CA TYR C 60 -37.05 4.51 -28.12
C TYR C 60 -38.21 3.92 -27.33
N ALA C 61 -39.39 4.52 -27.48
CA ALA C 61 -40.60 4.02 -26.88
C ALA C 61 -41.30 3.05 -27.83
N ASP C 62 -42.26 2.30 -27.28
CA ASP C 62 -42.96 1.31 -28.09
C ASP C 62 -43.81 1.96 -29.17
N SER C 63 -44.48 3.07 -28.84
CA SER C 63 -45.40 3.71 -29.76
C SER C 63 -44.72 4.58 -30.80
N VAL C 64 -43.43 4.89 -30.62
CA VAL C 64 -42.71 5.79 -31.52
C VAL C 64 -41.58 5.09 -32.27
N LYS C 65 -41.32 3.81 -31.98
CA LYS C 65 -40.21 3.12 -32.62
C LYS C 65 -40.49 2.90 -34.10
N GLY C 66 -39.46 3.12 -34.92
CA GLY C 66 -39.57 3.00 -36.36
C GLY C 66 -39.79 4.31 -37.09
N ARG C 67 -40.16 5.37 -36.38
CA ARG C 67 -40.37 6.68 -36.99
C ARG C 67 -39.41 7.75 -36.50
N PHE C 68 -38.98 7.68 -35.24
CA PHE C 68 -38.07 8.67 -34.68
C PHE C 68 -36.66 8.12 -34.65
N THR C 69 -35.68 8.98 -34.97
CA THR C 69 -34.28 8.61 -34.93
C THR C 69 -33.53 9.64 -34.10
N ILE C 70 -32.82 9.17 -33.07
CA ILE C 70 -32.08 10.04 -32.17
C ILE C 70 -30.59 9.81 -32.39
N SER C 71 -29.84 10.90 -32.53
CA SER C 71 -28.41 10.84 -32.78
C SER C 71 -27.72 11.97 -32.03
N ARG C 72 -26.39 11.95 -32.05
CA ARG C 72 -25.63 12.97 -31.34
C ARG C 72 -24.36 13.28 -32.12
N ASP C 73 -23.82 14.47 -31.87
CA ASP C 73 -22.57 14.93 -32.44
C ASP C 73 -21.74 15.52 -31.31
N ASN C 74 -20.72 14.79 -30.88
CA ASN C 74 -19.87 15.25 -29.78
C ASN C 74 -18.92 16.35 -30.22
N ALA C 75 -18.56 16.39 -31.51
CA ALA C 75 -17.72 17.48 -32.00
C ALA C 75 -18.43 18.82 -31.87
N LYS C 76 -19.71 18.87 -32.21
CA LYS C 76 -20.50 20.08 -32.09
C LYS C 76 -21.23 20.21 -30.76
N ASN C 77 -21.12 19.20 -29.88
CA ASN C 77 -21.81 19.19 -28.59
C ASN C 77 -23.32 19.39 -28.77
N THR C 78 -23.94 18.47 -29.52
CA THR C 78 -25.35 18.61 -29.82
C THR C 78 -25.99 17.25 -29.98
N ALA C 79 -27.32 17.22 -29.91
CA ALA C 79 -28.12 16.02 -30.14
C ALA C 79 -29.26 16.36 -31.09
N TYR C 80 -29.62 15.39 -31.94
CA TYR C 80 -30.64 15.58 -32.95
C TYR C 80 -31.71 14.51 -32.82
N LEU C 81 -32.96 14.91 -33.07
CA LEU C 81 -34.10 13.99 -33.12
C LEU C 81 -34.86 14.24 -34.41
N GLN C 82 -34.87 13.25 -35.30
CA GLN C 82 -35.52 13.34 -36.59
C GLN C 82 -36.82 12.55 -36.56
N MET C 83 -37.90 13.17 -37.06
CA MET C 83 -39.22 12.57 -37.07
C MET C 83 -39.64 12.31 -38.50
N ASN C 84 -40.18 11.11 -38.75
CA ASN C 84 -40.70 10.72 -40.06
C ASN C 84 -42.12 10.20 -39.91
N SER C 85 -42.98 10.58 -40.87
CA SER C 85 -44.38 10.17 -40.89
C SER C 85 -45.08 10.58 -39.58
N LEU C 86 -45.16 11.89 -39.38
CA LEU C 86 -45.76 12.42 -38.18
C LEU C 86 -47.25 12.11 -38.12
N LYS C 87 -47.78 12.05 -36.91
CA LYS C 87 -49.18 11.76 -36.63
C LYS C 87 -49.76 12.85 -35.77
N PRO C 88 -51.09 13.04 -35.80
CA PRO C 88 -51.70 14.09 -34.98
C PRO C 88 -51.45 13.91 -33.48
N GLU C 89 -51.22 12.69 -33.03
CA GLU C 89 -50.95 12.43 -31.61
C GLU C 89 -49.59 12.95 -31.17
N ASP C 90 -48.74 13.37 -32.10
CA ASP C 90 -47.39 13.85 -31.77
C ASP C 90 -47.36 15.30 -31.34
N THR C 91 -48.48 16.02 -31.40
CA THR C 91 -48.54 17.41 -30.97
C THR C 91 -48.36 17.47 -29.46
N ALA C 92 -47.21 17.98 -29.01
CA ALA C 92 -46.88 18.00 -27.59
C ALA C 92 -45.69 18.92 -27.39
N VAL C 93 -45.34 19.13 -26.12
CA VAL C 93 -44.15 19.91 -25.75
C VAL C 93 -43.00 18.94 -25.51
N TYR C 94 -41.89 19.15 -26.20
CA TYR C 94 -40.75 18.23 -26.17
C TYR C 94 -39.65 18.79 -25.28
N TYR C 95 -39.10 17.92 -24.44
CA TYR C 95 -38.07 18.28 -23.47
C TYR C 95 -36.82 17.45 -23.71
N CYS C 96 -35.66 18.06 -23.51
CA CYS C 96 -34.37 17.41 -23.64
C CYS C 96 -33.74 17.27 -22.25
N ALA C 97 -33.27 16.07 -21.93
CA ALA C 97 -32.73 15.79 -20.61
C ALA C 97 -31.47 14.94 -20.76
N ALA C 98 -30.94 14.48 -19.63
CA ALA C 98 -29.70 13.71 -19.62
C ALA C 98 -29.66 12.83 -18.37
N LEU C 99 -29.16 11.61 -18.54
CA LEU C 99 -28.98 10.70 -17.41
C LEU C 99 -28.06 11.33 -16.37
N ARG C 100 -28.41 11.17 -15.10
CA ARG C 100 -27.69 11.84 -14.02
C ARG C 100 -26.55 10.99 -13.46
N ARG C 101 -25.74 10.43 -14.35
CA ARG C 101 -24.45 9.85 -14.01
C ARG C 101 -24.59 8.61 -13.12
N LYS C 102 -25.81 8.30 -12.68
CA LYS C 102 -26.01 7.18 -11.78
C LYS C 102 -27.15 6.27 -12.24
N ALA C 103 -28.11 6.82 -12.98
CA ALA C 103 -29.18 6.00 -13.53
C ALA C 103 -28.63 5.06 -14.59
N GLU C 104 -29.05 3.79 -14.51
CA GLU C 104 -28.58 2.79 -15.45
C GLU C 104 -29.17 3.04 -16.84
N TYR C 105 -28.46 2.54 -17.86
CA TYR C 105 -28.95 2.65 -19.23
C TYR C 105 -30.26 1.91 -19.38
N GLY C 106 -31.17 2.48 -20.16
CA GLY C 106 -32.49 1.92 -20.37
C GLY C 106 -33.57 2.49 -19.47
N SER C 107 -33.24 3.46 -18.62
CA SER C 107 -34.24 4.05 -17.73
C SER C 107 -35.28 4.81 -18.54
N ARG C 108 -36.54 4.73 -18.12
CA ARG C 108 -37.66 5.36 -18.79
C ARG C 108 -38.54 6.11 -17.81
N SER C 109 -37.92 6.77 -16.83
CA SER C 109 -38.63 7.47 -15.77
C SER C 109 -38.15 8.91 -15.69
N ILE C 110 -39.05 9.79 -15.25
CA ILE C 110 -38.71 11.20 -15.17
C ILE C 110 -37.60 11.44 -14.15
N ALA C 111 -37.65 10.75 -13.02
CA ALA C 111 -36.71 10.96 -11.94
C ALA C 111 -35.27 10.59 -12.29
N ASP C 112 -35.05 9.86 -13.38
CA ASP C 112 -33.71 9.43 -13.78
C ASP C 112 -32.96 10.49 -14.57
N PHE C 113 -33.58 11.62 -14.91
CA PHE C 113 -32.95 12.66 -15.71
C PHE C 113 -32.96 13.97 -14.93
N ASP C 114 -31.76 14.54 -14.76
CA ASP C 114 -31.59 15.73 -13.92
C ASP C 114 -31.65 17.03 -14.71
N SER C 115 -30.76 17.19 -15.69
CA SER C 115 -30.61 18.46 -16.40
C SER C 115 -31.70 18.57 -17.45
N TRP C 116 -32.80 19.23 -17.09
CA TRP C 116 -33.91 19.44 -17.99
C TRP C 116 -33.70 20.68 -18.83
N SER C 117 -34.70 21.03 -19.63
CA SER C 117 -34.61 22.18 -20.52
C SER C 117 -35.98 22.80 -20.70
N LYS C 118 -36.01 23.95 -21.37
CA LYS C 118 -37.27 24.67 -21.58
C LYS C 118 -38.24 23.88 -22.43
N GLY C 119 -37.75 23.26 -23.50
CA GLY C 119 -38.60 22.49 -24.39
C GLY C 119 -39.24 23.33 -25.49
N THR C 120 -39.71 22.64 -26.52
CA THR C 120 -40.32 23.32 -27.65
C THR C 120 -41.67 22.68 -27.99
N PRO C 121 -42.66 23.48 -28.37
CA PRO C 121 -43.95 22.91 -28.78
C PRO C 121 -43.91 22.45 -30.23
N VAL C 122 -44.51 21.28 -30.48
CA VAL C 122 -44.63 20.72 -31.82
C VAL C 122 -46.10 20.44 -32.08
N THR C 123 -46.63 20.99 -33.17
CA THR C 123 -48.03 20.84 -33.55
C THR C 123 -48.10 20.26 -34.94
N VAL C 124 -48.93 19.22 -35.10
CA VAL C 124 -49.10 18.58 -36.40
C VAL C 124 -50.30 19.16 -37.12
N ALA D 2 9.27 8.42 -13.71
CA ALA D 2 8.08 9.26 -13.81
C ALA D 2 7.59 9.32 -15.25
N GLY D 3 8.50 9.65 -16.18
CA GLY D 3 8.12 9.73 -17.57
C GLY D 3 7.74 8.38 -18.16
N ILE D 4 8.43 7.32 -17.73
CA ILE D 4 8.12 5.99 -18.25
C ILE D 4 6.74 5.53 -17.78
N LEU D 5 6.33 5.92 -16.57
CA LEU D 5 4.98 5.62 -16.11
C LEU D 5 3.93 6.34 -16.97
N ALA D 6 4.19 7.58 -17.33
CA ALA D 6 3.29 8.30 -18.23
C ALA D 6 3.25 7.66 -19.61
N TRP D 7 4.39 7.16 -20.09
CA TRP D 7 4.41 6.46 -21.37
C TRP D 7 3.59 5.17 -21.31
N PHE D 8 3.72 4.42 -20.22
CA PHE D 8 2.98 3.16 -20.10
C PHE D 8 1.47 3.40 -20.06
N TRP D 9 1.03 4.41 -19.32
CA TRP D 9 -0.39 4.76 -19.23
C TRP D 9 -0.79 5.69 -20.38
N ASN D 10 -0.70 5.16 -21.59
CA ASN D 10 -1.10 5.90 -22.78
C ASN D 10 -2.62 5.91 -22.88
N GLU D 11 -3.21 7.10 -22.86
CA GLU D 11 -4.67 7.22 -22.86
C GLU D 11 -5.30 6.73 -24.15
N ARG D 12 -4.54 6.64 -25.23
CA ARG D 12 -5.05 6.10 -26.49
C ARG D 12 -4.98 4.59 -26.56
N PHE D 13 -4.45 3.93 -25.53
CA PHE D 13 -4.33 2.48 -25.50
C PHE D 13 -5.35 1.82 -24.58
N TRP D 14 -5.49 2.31 -23.35
CA TRP D 14 -6.41 1.68 -22.41
C TRP D 14 -7.86 2.14 -22.64
N LEU D 15 -8.10 3.44 -22.49
CA LEU D 15 -9.45 3.97 -22.61
C LEU D 15 -9.92 3.98 -24.06
N PRO D 16 -11.24 3.96 -24.28
CA PRO D 16 -11.77 4.01 -25.66
C PRO D 16 -11.49 5.34 -26.36
N HIS D 17 -11.97 5.46 -27.59
CA HIS D 17 -11.71 6.65 -28.39
C HIS D 17 -12.34 7.88 -27.76
N ASN D 18 -11.63 9.01 -27.84
CA ASN D 18 -12.10 10.29 -27.32
C ASN D 18 -12.39 10.25 -25.83
N VAL D 19 -11.67 9.39 -25.10
CA VAL D 19 -11.80 9.30 -23.65
C VAL D 19 -10.40 9.45 -23.04
N THR D 20 -10.27 10.36 -22.09
CA THR D 20 -9.00 10.62 -21.42
C THR D 20 -9.14 10.36 -19.93
N TRP D 21 -7.99 10.15 -19.27
CA TRP D 21 -8.00 9.87 -17.84
C TRP D 21 -8.59 11.04 -17.05
N ALA D 22 -8.46 12.26 -17.57
CA ALA D 22 -9.01 13.42 -16.88
C ALA D 22 -10.52 13.36 -16.77
N ASP D 23 -11.18 12.59 -17.65
CA ASP D 23 -12.62 12.41 -17.55
C ASP D 23 -13.01 11.51 -16.38
N LEU D 24 -12.08 10.69 -15.89
CA LEU D 24 -12.35 9.74 -14.82
C LEU D 24 -11.87 10.23 -13.46
N LYS D 25 -11.48 11.51 -13.34
CA LYS D 25 -11.05 12.04 -12.07
C LYS D 25 -12.23 12.11 -11.09
N ASN D 26 -11.95 11.81 -9.83
CA ASN D 26 -12.99 11.80 -8.81
C ASN D 26 -13.49 13.21 -8.54
N THR D 27 -14.80 13.33 -8.38
CA THR D 27 -15.44 14.61 -8.06
C THR D 27 -16.64 14.35 -7.17
N GLU D 28 -17.32 15.44 -6.80
CA GLU D 28 -18.47 15.34 -5.90
C GLU D 28 -19.66 14.67 -6.56
N GLU D 29 -19.67 14.56 -7.89
CA GLU D 29 -20.80 13.95 -8.59
C GLU D 29 -20.73 12.42 -8.57
N ALA D 30 -19.56 11.86 -8.82
CA ALA D 30 -19.42 10.40 -8.85
C ALA D 30 -18.00 10.02 -8.45
N THR D 31 -17.85 8.77 -8.04
CA THR D 31 -16.58 8.20 -7.64
C THR D 31 -16.17 7.12 -8.63
N PHE D 32 -14.95 7.22 -9.15
CA PHE D 32 -14.43 6.27 -10.12
C PHE D 32 -13.19 5.58 -9.56
N PRO D 33 -12.92 4.34 -9.95
CA PRO D 33 -11.75 3.63 -9.44
C PRO D 33 -10.46 4.29 -9.90
N GLN D 34 -9.46 4.25 -9.01
CA GLN D 34 -8.14 4.80 -9.28
C GLN D 34 -7.09 3.79 -8.86
N ALA D 35 -5.90 3.90 -9.47
CA ALA D 35 -4.80 2.99 -9.15
C ALA D 35 -4.38 3.13 -7.70
N GLU D 36 -4.42 4.34 -7.15
CA GLU D 36 -3.99 4.57 -5.77
C GLU D 36 -4.81 3.79 -4.76
N ASP D 37 -6.02 3.35 -5.13
CA ASP D 37 -6.85 2.55 -4.24
C ASP D 37 -6.36 1.11 -4.12
N LEU D 38 -5.41 0.68 -4.96
CA LEU D 38 -4.91 -0.68 -4.93
C LEU D 38 -3.68 -0.83 -4.04
N TYR D 39 -3.27 0.22 -3.34
CA TYR D 39 -2.13 0.12 -2.43
C TYR D 39 -2.51 -0.46 -1.08
N LEU D 40 -3.78 -0.37 -0.68
CA LEU D 40 -4.25 -0.98 0.55
C LEU D 40 -4.25 -2.50 0.47
N ALA D 41 -4.15 -3.05 -0.75
CA ALA D 41 -4.19 -4.49 -0.93
C ALA D 41 -3.05 -5.19 -0.20
N PHE D 42 -1.84 -4.61 -0.23
CA PHE D 42 -0.72 -5.22 0.47
C PHE D 42 -0.90 -5.22 1.99
N PRO D 43 -1.27 -4.11 2.64
CA PRO D 43 -1.56 -4.19 4.08
C PRO D 43 -2.68 -5.17 4.43
N LEU D 44 -3.74 -5.20 3.62
CA LEU D 44 -4.80 -6.15 3.89
C LEU D 44 -4.34 -7.59 3.69
N ALA D 45 -3.44 -7.82 2.73
CA ALA D 45 -2.88 -9.16 2.55
C ALA D 45 -2.02 -9.56 3.73
N PHE D 46 -1.24 -8.61 4.27
CA PHE D 46 -0.46 -8.92 5.47
C PHE D 46 -1.37 -9.25 6.64
N CYS D 47 -2.45 -8.50 6.82
CA CYS D 47 -3.41 -8.81 7.86
C CYS D 47 -4.04 -10.19 7.65
N ILE D 48 -4.36 -10.52 6.40
CA ILE D 48 -4.94 -11.82 6.09
C ILE D 48 -3.96 -12.93 6.39
N PHE D 49 -2.67 -12.70 6.11
CA PHE D 49 -1.65 -13.70 6.43
C PHE D 49 -1.51 -13.90 7.93
N MET D 50 -1.55 -12.81 8.70
CA MET D 50 -1.52 -12.93 10.16
C MET D 50 -2.72 -13.73 10.67
N VAL D 51 -3.91 -13.42 10.15
CA VAL D 51 -5.11 -14.14 10.57
C VAL D 51 -5.04 -15.60 10.16
N ARG D 52 -4.46 -15.88 8.99
CA ARG D 52 -4.29 -17.25 8.53
C ARG D 52 -3.36 -18.03 9.46
N LEU D 53 -2.25 -17.41 9.86
CA LEU D 53 -1.35 -18.07 10.80
C LEU D 53 -2.04 -18.34 12.12
N ILE D 54 -2.78 -17.37 12.64
CA ILE D 54 -3.49 -17.56 13.91
C ILE D 54 -4.53 -18.68 13.78
N PHE D 55 -5.28 -18.69 12.68
CA PHE D 55 -6.30 -19.71 12.47
C PHE D 55 -5.69 -21.10 12.37
N GLU D 56 -4.58 -21.23 11.64
CA GLU D 56 -3.94 -22.53 11.50
C GLU D 56 -3.37 -23.02 12.83
N ARG D 57 -2.72 -22.13 13.58
CA ARG D 57 -2.05 -22.58 14.80
C ARG D 57 -3.02 -22.80 15.96
N PHE D 58 -4.10 -22.03 16.04
CA PHE D 58 -4.97 -22.07 17.21
C PHE D 58 -6.33 -22.71 16.98
N VAL D 59 -6.84 -22.71 15.75
CA VAL D 59 -8.19 -23.18 15.45
C VAL D 59 -8.17 -24.50 14.70
N ALA D 60 -7.43 -24.58 13.59
CA ALA D 60 -7.44 -25.78 12.77
C ALA D 60 -6.69 -26.92 13.43
N LYS D 61 -5.59 -26.62 14.12
CA LYS D 61 -4.79 -27.68 14.72
C LYS D 61 -5.53 -28.45 15.81
N PRO D 62 -6.21 -27.81 16.77
CA PRO D 62 -6.99 -28.59 17.74
C PRO D 62 -8.07 -29.44 17.10
N CYS D 63 -8.73 -28.93 16.06
CA CYS D 63 -9.75 -29.72 15.37
C CYS D 63 -9.13 -30.93 14.69
N ALA D 64 -7.97 -30.76 14.06
CA ALA D 64 -7.29 -31.88 13.43
C ALA D 64 -6.86 -32.91 14.47
N ILE D 65 -6.38 -32.44 15.63
CA ILE D 65 -5.99 -33.36 16.70
C ILE D 65 -7.20 -34.15 17.18
N ALA D 66 -8.33 -33.47 17.38
CA ALA D 66 -9.55 -34.17 17.77
C ALA D 66 -10.12 -35.04 16.66
N LEU D 67 -9.67 -34.84 15.43
CA LEU D 67 -10.14 -35.63 14.28
C LEU D 67 -9.23 -36.81 13.98
N ASN D 68 -8.30 -37.14 14.89
CA ASN D 68 -7.36 -38.24 14.73
C ASN D 68 -6.51 -38.07 13.46
N ILE D 69 -5.74 -36.98 13.45
CA ILE D 69 -4.77 -36.69 12.41
C ILE D 69 -3.38 -36.86 13.00
N GLN D 70 -2.51 -37.57 12.28
CA GLN D 70 -1.16 -37.85 12.76
C GLN D 70 -0.42 -36.55 13.07
N ALA D 71 -0.10 -36.34 14.34
CA ALA D 71 0.58 -35.13 14.79
C ALA D 71 2.09 -35.22 14.68
N ASN D 72 2.63 -36.38 14.32
CA ASN D 72 4.06 -36.57 14.19
C ASN D 72 4.49 -36.32 12.75
N GLY D 73 5.79 -36.43 12.49
CA GLY D 73 6.33 -36.23 11.17
C GLY D 73 6.27 -37.48 10.32
N PRO D 74 7.05 -37.49 9.24
CA PRO D 74 7.07 -38.67 8.36
C PRO D 74 7.80 -39.85 8.95
N GLN D 75 7.91 -40.94 8.19
CA GLN D 75 8.60 -42.13 8.63
C GLN D 75 10.08 -42.05 8.27
N ILE D 76 10.81 -43.13 8.56
CA ILE D 76 12.24 -43.21 8.29
C ILE D 76 12.45 -44.33 7.27
N ALA D 77 13.11 -44.00 6.16
CA ALA D 77 13.41 -44.98 5.14
C ALA D 77 14.55 -45.89 5.59
N PRO D 78 14.54 -47.16 5.18
CA PRO D 78 15.65 -48.05 5.54
C PRO D 78 16.94 -47.57 4.92
N PRO D 79 18.06 -47.78 5.59
CA PRO D 79 19.34 -47.29 5.06
C PRO D 79 19.77 -48.07 3.82
N ASN D 80 20.34 -47.35 2.85
CA ASN D 80 20.87 -47.95 1.64
C ASN D 80 21.80 -46.95 0.98
N ALA D 81 23.06 -47.34 0.80
CA ALA D 81 24.04 -46.40 0.24
C ALA D 81 23.74 -46.07 -1.21
N ILE D 82 23.48 -47.09 -2.04
CA ILE D 82 23.21 -46.85 -3.44
C ILE D 82 21.91 -46.07 -3.62
N LEU D 83 20.87 -46.45 -2.88
CA LEU D 83 19.59 -45.74 -2.99
C LEU D 83 19.73 -44.29 -2.53
N GLU D 84 20.46 -44.05 -1.45
CA GLU D 84 20.67 -42.68 -0.99
C GLU D 84 21.44 -41.86 -2.00
N LYS D 85 22.48 -42.46 -2.61
CA LYS D 85 23.26 -41.75 -3.62
C LYS D 85 22.40 -41.41 -4.83
N VAL D 86 21.56 -42.35 -5.27
CA VAL D 86 20.68 -42.09 -6.40
C VAL D 86 19.68 -40.99 -6.06
N PHE D 87 19.11 -41.05 -4.86
CA PHE D 87 18.13 -40.05 -4.45
C PHE D 87 18.75 -38.66 -4.39
N THR D 88 19.98 -38.56 -3.87
CA THR D 88 20.64 -37.26 -3.77
C THR D 88 21.13 -36.75 -5.12
N ALA D 89 21.46 -37.66 -6.04
CA ALA D 89 22.08 -37.29 -7.31
C ALA D 89 21.12 -37.42 -8.49
N ILE D 90 20.52 -38.60 -8.70
CA ILE D 90 19.79 -38.85 -9.94
C ILE D 90 18.44 -38.14 -9.94
N THR D 91 17.56 -38.51 -9.02
CA THR D 91 16.20 -37.97 -8.98
C THR D 91 15.57 -38.35 -7.64
N LYS D 92 14.36 -37.84 -7.41
CA LYS D 92 13.62 -38.12 -6.19
C LYS D 92 12.30 -38.85 -6.42
N HIS D 93 11.73 -38.79 -7.63
CA HIS D 93 10.46 -39.44 -7.93
C HIS D 93 10.65 -40.30 -9.18
N PRO D 94 11.16 -41.52 -9.03
CA PRO D 94 11.41 -42.37 -10.19
C PRO D 94 10.12 -42.78 -10.88
N ASP D 95 10.21 -42.93 -12.20
CA ASP D 95 9.09 -43.40 -13.01
C ASP D 95 9.19 -44.92 -13.16
N GLU D 96 8.37 -45.49 -14.04
CA GLU D 96 8.41 -46.93 -14.27
C GLU D 96 9.74 -47.35 -14.88
N LYS D 97 10.22 -46.61 -15.87
CA LYS D 97 11.53 -46.91 -16.46
C LYS D 97 12.65 -46.69 -15.45
N ARG D 98 12.56 -45.61 -14.66
CA ARG D 98 13.56 -45.37 -13.62
C ARG D 98 13.51 -46.47 -12.55
N LEU D 99 12.32 -46.91 -12.19
CA LEU D 99 12.20 -48.00 -11.23
C LEU D 99 12.81 -49.29 -11.77
N GLU D 100 12.58 -49.59 -13.05
CA GLU D 100 13.17 -50.77 -13.66
C GLU D 100 14.70 -50.67 -13.67
N GLY D 101 15.23 -49.49 -14.02
CA GLY D 101 16.67 -49.32 -14.01
C GLY D 101 17.26 -49.46 -12.63
N LEU D 102 16.60 -48.90 -11.61
CA LEU D 102 17.08 -49.04 -10.24
C LEU D 102 17.03 -50.49 -9.78
N SER D 103 15.97 -51.22 -10.16
CA SER D 103 15.90 -52.63 -9.81
C SER D 103 17.02 -53.42 -10.47
N LYS D 104 17.31 -53.11 -11.74
CA LYS D 104 18.40 -53.79 -12.43
C LYS D 104 19.75 -53.48 -11.80
N GLN D 105 19.98 -52.22 -11.41
CA GLN D 105 21.26 -51.83 -10.85
C GLN D 105 21.46 -52.40 -9.45
N LEU D 106 20.44 -52.28 -8.59
CA LEU D 106 20.53 -52.70 -7.20
C LEU D 106 20.25 -54.18 -6.99
N ASP D 107 19.72 -54.87 -8.01
CA ASP D 107 19.31 -56.28 -7.89
C ASP D 107 18.30 -56.45 -6.75
N TRP D 108 17.35 -55.52 -6.67
CA TRP D 108 16.31 -55.52 -5.65
C TRP D 108 14.95 -55.45 -6.33
N ASP D 109 13.91 -55.85 -5.58
CA ASP D 109 12.56 -55.81 -6.11
C ASP D 109 12.11 -54.37 -6.34
N VAL D 110 11.23 -54.20 -7.32
CA VAL D 110 10.73 -52.86 -7.64
C VAL D 110 9.89 -52.31 -6.50
N ARG D 111 9.15 -53.18 -5.81
CA ARG D 111 8.30 -52.73 -4.71
C ARG D 111 9.10 -52.12 -3.58
N SER D 112 10.23 -52.74 -3.22
CA SER D 112 11.04 -52.21 -2.14
C SER D 112 11.62 -50.84 -2.48
N ILE D 113 12.13 -50.68 -3.71
CA ILE D 113 12.67 -49.39 -4.13
C ILE D 113 11.58 -48.34 -4.17
N GLN D 114 10.40 -48.71 -4.66
CA GLN D 114 9.29 -47.76 -4.71
C GLN D 114 8.88 -47.33 -3.30
N ARG D 115 8.82 -48.28 -2.36
CA ARG D 115 8.48 -47.93 -0.99
C ARG D 115 9.55 -47.04 -0.36
N TRP D 116 10.83 -47.32 -0.63
CA TRP D 116 11.90 -46.48 -0.08
C TRP D 116 11.81 -45.07 -0.63
N PHE D 117 11.57 -44.92 -1.94
CA PHE D 117 11.46 -43.59 -2.51
C PHE D 117 10.20 -42.86 -2.05
N ARG D 118 9.11 -43.59 -1.83
CA ARG D 118 7.92 -42.97 -1.27
C ARG D 118 8.18 -42.47 0.15
N GLN D 119 8.89 -43.26 0.95
CA GLN D 119 9.26 -42.82 2.30
C GLN D 119 10.15 -41.58 2.25
N ARG D 120 11.12 -41.56 1.33
CA ARG D 120 11.97 -40.39 1.18
C ARG D 120 11.18 -39.17 0.77
N ARG D 121 10.24 -39.33 -0.16
CA ARG D 121 9.39 -38.22 -0.58
C ARG D 121 8.53 -37.71 0.58
N ASN D 122 8.00 -38.62 1.39
CA ASN D 122 7.24 -38.21 2.57
C ASN D 122 8.14 -37.46 3.55
N GLN D 123 9.39 -37.87 3.67
CA GLN D 123 10.35 -37.13 4.49
C GLN D 123 10.54 -35.72 3.95
N GLU D 124 10.66 -35.58 2.63
CA GLU D 124 10.77 -34.26 2.03
C GLU D 124 9.44 -33.51 2.02
N LYS D 125 8.31 -34.24 1.97
CA LYS D 125 7.02 -33.57 1.92
C LYS D 125 6.59 -33.11 3.31
N PRO D 126 5.78 -32.04 3.38
CA PRO D 126 5.26 -31.59 4.67
C PRO D 126 4.29 -32.60 5.27
N SER D 127 4.14 -32.51 6.59
CA SER D 127 3.26 -33.42 7.31
C SER D 127 1.80 -33.14 6.96
N THR D 128 0.95 -34.13 7.28
CA THR D 128 -0.46 -34.03 6.95
C THR D 128 -1.17 -32.93 7.74
N LEU D 129 -0.68 -32.62 8.95
CA LEU D 129 -1.34 -31.65 9.80
C LEU D 129 -1.35 -30.26 9.15
N THR D 130 -0.19 -29.83 8.65
CA THR D 130 -0.10 -28.50 8.03
C THR D 130 -0.96 -28.42 6.78
N ARG D 131 -0.96 -29.47 5.97
CA ARG D 131 -1.78 -29.48 4.77
C ARG D 131 -3.27 -29.43 5.11
N PHE D 132 -3.67 -30.16 6.16
CA PHE D 132 -5.06 -30.12 6.60
C PHE D 132 -5.45 -28.72 7.07
N CYS D 133 -4.58 -28.08 7.84
CA CYS D 133 -4.88 -26.73 8.31
C CYS D 133 -4.99 -25.75 7.16
N GLU D 134 -4.06 -25.84 6.20
CA GLU D 134 -4.10 -24.95 5.04
C GLU D 134 -5.37 -25.19 4.21
N SER D 135 -5.75 -26.45 4.04
CA SER D 135 -6.98 -26.76 3.31
C SER D 135 -8.20 -26.21 4.02
N MET D 136 -8.23 -26.31 5.35
CA MET D 136 -9.36 -25.77 6.09
C MET D 136 -9.45 -24.25 5.95
N TRP D 137 -8.30 -23.56 6.03
CA TRP D 137 -8.30 -22.12 5.85
C TRP D 137 -8.77 -21.74 4.44
N ARG D 138 -8.28 -22.45 3.42
CA ARG D 138 -8.71 -22.18 2.05
C ARG D 138 -10.19 -22.40 1.89
N PHE D 139 -10.72 -23.49 2.47
CA PHE D 139 -12.14 -23.77 2.37
C PHE D 139 -12.97 -22.67 2.99
N SER D 140 -12.59 -22.22 4.20
CA SER D 140 -13.34 -21.16 4.87
C SER D 140 -13.31 -19.87 4.06
N PHE D 141 -12.12 -19.48 3.59
CA PHE D 141 -12.01 -18.22 2.85
C PHE D 141 -12.77 -18.28 1.54
N TYR D 142 -12.66 -19.39 0.81
CA TYR D 142 -13.38 -19.52 -0.46
C TYR D 142 -14.88 -19.53 -0.26
N LEU D 143 -15.36 -20.21 0.79
CA LEU D 143 -16.80 -20.23 1.06
C LEU D 143 -17.30 -18.82 1.36
N TYR D 144 -16.58 -18.08 2.20
CA TYR D 144 -17.00 -16.72 2.51
C TYR D 144 -16.99 -15.83 1.26
N VAL D 145 -15.94 -15.96 0.44
CA VAL D 145 -15.83 -15.14 -0.76
C VAL D 145 -16.98 -15.44 -1.72
N PHE D 146 -17.27 -16.71 -1.93
CA PHE D 146 -18.36 -17.09 -2.84
C PHE D 146 -19.71 -16.62 -2.32
N THR D 147 -19.94 -16.75 -1.01
CA THR D 147 -21.20 -16.30 -0.44
C THR D 147 -21.36 -14.79 -0.62
N TYR D 148 -20.30 -14.03 -0.34
CA TYR D 148 -20.38 -12.58 -0.50
C TYR D 148 -20.58 -12.20 -1.97
N GLY D 149 -19.91 -12.91 -2.88
CA GLY D 149 -20.09 -12.63 -4.29
C GLY D 149 -21.50 -12.87 -4.75
N VAL D 150 -22.11 -13.98 -4.31
CA VAL D 150 -23.50 -14.26 -4.67
C VAL D 150 -24.41 -13.18 -4.11
N ARG D 151 -24.21 -12.81 -2.84
CA ARG D 151 -25.07 -11.81 -2.21
C ARG D 151 -24.95 -10.47 -2.92
N PHE D 152 -23.74 -10.10 -3.34
CA PHE D 152 -23.56 -8.83 -4.04
C PHE D 152 -24.15 -8.87 -5.43
N LEU D 153 -23.96 -9.99 -6.15
CA LEU D 153 -24.37 -10.04 -7.55
C LEU D 153 -25.87 -10.24 -7.72
N LYS D 154 -26.56 -10.81 -6.72
CA LYS D 154 -27.98 -11.10 -6.91
C LYS D 154 -28.82 -9.84 -7.14
N LYS D 155 -28.35 -8.68 -6.68
CA LYS D 155 -29.08 -7.43 -6.84
C LYS D 155 -28.54 -6.54 -7.94
N THR D 156 -27.38 -6.86 -8.51
CA THR D 156 -26.79 -6.02 -9.54
C THR D 156 -27.59 -6.11 -10.83
N PRO D 157 -27.61 -5.05 -11.64
CA PRO D 157 -28.38 -5.10 -12.89
C PRO D 157 -27.70 -5.80 -14.05
N TRP D 158 -26.36 -5.93 -14.03
CA TRP D 158 -25.65 -6.53 -15.15
C TRP D 158 -25.48 -8.04 -15.04
N LEU D 159 -25.88 -8.65 -13.91
CA LEU D 159 -25.80 -10.10 -13.80
C LEU D 159 -26.73 -10.79 -14.79
N TRP D 160 -27.95 -10.28 -14.93
CA TRP D 160 -28.92 -10.90 -15.82
C TRP D 160 -28.75 -10.44 -17.27
N ASN D 161 -28.37 -9.19 -17.49
CA ASN D 161 -28.11 -8.66 -18.82
C ASN D 161 -26.67 -8.15 -18.83
N THR D 162 -25.77 -8.92 -19.47
CA THR D 162 -24.37 -8.55 -19.50
C THR D 162 -24.10 -7.30 -20.32
N ARG D 163 -25.00 -6.94 -21.23
CA ARG D 163 -24.82 -5.74 -22.04
C ARG D 163 -24.75 -4.47 -21.20
N HIS D 164 -25.29 -4.50 -19.97
CA HIS D 164 -25.16 -3.37 -19.07
C HIS D 164 -23.75 -3.14 -18.58
N CYS D 165 -22.84 -4.11 -18.79
CA CYS D 165 -21.45 -3.92 -18.40
C CYS D 165 -20.73 -2.91 -19.28
N TRP D 166 -21.26 -2.61 -20.46
CA TRP D 166 -20.59 -1.75 -21.41
C TRP D 166 -21.42 -0.57 -21.90
N TYR D 167 -22.69 -0.47 -21.50
CA TYR D 167 -23.56 0.58 -22.01
C TYR D 167 -23.03 1.96 -21.62
N ASN D 168 -22.67 2.14 -20.35
CA ASN D 168 -22.15 3.41 -19.85
C ASN D 168 -20.65 3.37 -19.59
N TYR D 169 -19.98 2.31 -20.02
CA TYR D 169 -18.54 2.24 -19.85
C TYR D 169 -17.85 3.35 -20.64
N PRO D 170 -16.83 4.02 -20.07
CA PRO D 170 -16.25 3.83 -18.74
C PRO D 170 -16.86 4.73 -17.67
N TYR D 171 -17.93 5.45 -17.98
CA TYR D 171 -18.52 6.39 -17.03
C TYR D 171 -19.52 5.66 -16.13
N GLN D 172 -18.97 4.82 -15.26
CA GLN D 172 -19.75 4.02 -14.33
C GLN D 172 -19.24 4.27 -12.91
N PRO D 173 -20.07 4.77 -12.01
CA PRO D 173 -19.60 5.06 -10.65
C PRO D 173 -19.20 3.79 -9.91
N LEU D 174 -18.25 3.95 -8.98
CA LEU D 174 -17.76 2.85 -8.16
C LEU D 174 -18.53 2.84 -6.84
N THR D 175 -19.13 1.70 -6.53
CA THR D 175 -19.86 1.54 -5.28
C THR D 175 -18.97 0.96 -4.20
N THR D 176 -19.44 1.05 -2.95
CA THR D 176 -18.66 0.52 -1.83
C THR D 176 -18.52 -0.98 -1.90
N ASP D 177 -19.60 -1.68 -2.28
CA ASP D 177 -19.55 -3.14 -2.33
C ASP D 177 -18.57 -3.64 -3.39
N LEU D 178 -18.58 -3.01 -4.58
CA LEU D 178 -17.66 -3.42 -5.63
C LEU D 178 -16.22 -3.18 -5.24
N HIS D 179 -15.95 -2.02 -4.63
CA HIS D 179 -14.59 -1.73 -4.17
C HIS D 179 -14.14 -2.73 -3.11
N TYR D 180 -15.03 -3.06 -2.16
CA TYR D 180 -14.69 -4.03 -1.14
C TYR D 180 -14.41 -5.40 -1.75
N TYR D 181 -15.23 -5.81 -2.72
CA TYR D 181 -15.03 -7.11 -3.37
C TYR D 181 -13.68 -7.16 -4.08
N TYR D 182 -13.37 -6.14 -4.87
CA TYR D 182 -12.11 -6.12 -5.61
C TYR D 182 -10.91 -6.10 -4.66
N ILE D 183 -10.98 -5.28 -3.61
CA ILE D 183 -9.88 -5.20 -2.66
C ILE D 183 -9.69 -6.52 -1.93
N LEU D 184 -10.79 -7.16 -1.54
CA LEU D 184 -10.70 -8.45 -0.87
C LEU D 184 -10.07 -9.50 -1.77
N GLU D 185 -10.47 -9.54 -3.04
CA GLU D 185 -9.89 -10.52 -3.97
C GLU D 185 -8.40 -10.27 -4.17
N LEU D 186 -8.02 -9.01 -4.37
CA LEU D 186 -6.61 -8.70 -4.58
C LEU D 186 -5.80 -9.01 -3.32
N SER D 187 -6.37 -8.73 -2.15
CA SER D 187 -5.69 -9.02 -0.89
C SER D 187 -5.49 -10.52 -0.72
N PHE D 188 -6.50 -11.32 -1.07
CA PHE D 188 -6.36 -12.77 -0.97
C PHE D 188 -5.28 -13.29 -1.92
N TYR D 189 -5.24 -12.77 -3.15
CA TYR D 189 -4.21 -13.21 -4.08
C TYR D 189 -2.82 -12.80 -3.61
N TRP D 190 -2.68 -11.59 -3.05
CA TRP D 190 -1.38 -11.19 -2.52
C TRP D 190 -1.00 -12.01 -1.29
N SER D 191 -1.97 -12.41 -0.48
CA SER D 191 -1.69 -13.30 0.64
C SER D 191 -1.21 -14.65 0.16
N LEU D 192 -1.81 -15.17 -0.91
CA LEU D 192 -1.33 -16.41 -1.52
C LEU D 192 0.09 -16.25 -2.04
N MET D 193 0.39 -15.11 -2.66
CA MET D 193 1.75 -14.85 -3.10
C MET D 193 2.73 -14.82 -1.93
N PHE D 194 2.34 -14.19 -0.82
CA PHE D 194 3.20 -14.17 0.36
C PHE D 194 3.43 -15.57 0.92
N SER D 195 2.38 -16.38 0.98
CA SER D 195 2.51 -17.73 1.51
C SER D 195 3.25 -18.66 0.55
N GLN D 196 3.31 -18.32 -0.73
CA GLN D 196 3.99 -19.16 -1.71
C GLN D 196 5.46 -18.81 -1.86
N PHE D 197 5.79 -17.52 -1.94
CA PHE D 197 7.14 -17.11 -2.32
C PHE D 197 8.14 -17.29 -1.19
N THR D 198 7.75 -17.01 0.06
CA THR D 198 8.71 -16.96 1.15
C THR D 198 8.38 -17.85 2.35
N ASP D 199 7.13 -18.29 2.51
CA ASP D 199 6.78 -19.12 3.65
C ASP D 199 7.54 -20.44 3.61
N ILE D 200 7.61 -21.06 2.43
CA ILE D 200 8.37 -22.29 2.25
C ILE D 200 8.96 -22.30 0.84
N LYS D 201 10.29 -22.34 0.75
CA LYS D 201 10.97 -22.37 -0.53
C LYS D 201 11.11 -23.77 -1.10
N ARG D 202 10.68 -24.80 -0.36
CA ARG D 202 10.68 -26.16 -0.88
C ARG D 202 9.34 -26.48 -1.55
N LYS D 203 8.95 -25.61 -2.47
CA LYS D 203 7.70 -25.71 -3.21
C LYS D 203 7.99 -25.73 -4.71
N ASP D 204 6.93 -25.68 -5.50
CA ASP D 204 7.03 -25.72 -6.95
C ASP D 204 6.46 -24.42 -7.53
N PHE D 205 7.19 -23.83 -8.46
CA PHE D 205 6.77 -22.64 -9.19
C PHE D 205 6.41 -23.10 -10.60
N GLY D 206 5.15 -23.47 -10.79
CA GLY D 206 4.70 -24.00 -12.06
C GLY D 206 3.42 -23.37 -12.59
N ILE D 207 2.43 -24.21 -12.89
CA ILE D 207 1.19 -23.72 -13.48
C ILE D 207 0.45 -22.81 -12.51
N MET D 208 0.39 -23.18 -11.22
CA MET D 208 -0.39 -22.40 -10.28
C MET D 208 0.25 -21.05 -9.97
N PHE D 209 1.53 -20.88 -10.27
CA PHE D 209 2.13 -19.56 -10.11
C PHE D 209 1.87 -18.68 -11.31
N LEU D 210 1.93 -19.23 -12.52
CA LEU D 210 1.54 -18.46 -13.68
C LEU D 210 0.07 -18.06 -13.57
N HIS D 211 -0.76 -18.98 -13.06
CA HIS D 211 -2.17 -18.68 -12.86
C HIS D 211 -2.36 -17.55 -11.87
N HIS D 212 -1.63 -17.59 -10.75
CA HIS D 212 -1.74 -16.50 -9.77
C HIS D 212 -1.32 -15.17 -10.40
N LEU D 213 -0.16 -15.16 -11.06
CA LEU D 213 0.33 -13.93 -11.66
C LEU D 213 -0.67 -13.35 -12.66
N VAL D 214 -1.27 -14.22 -13.47
CA VAL D 214 -2.27 -13.77 -14.45
C VAL D 214 -3.51 -13.22 -13.75
N SER D 215 -3.94 -13.88 -12.67
CA SER D 215 -5.11 -13.39 -11.95
C SER D 215 -4.87 -12.02 -11.34
N ILE D 216 -3.70 -11.81 -10.73
CA ILE D 216 -3.37 -10.50 -10.17
C ILE D 216 -3.23 -9.45 -11.27
N PHE D 217 -2.63 -9.83 -12.40
CA PHE D 217 -2.56 -8.95 -13.56
C PHE D 217 -3.95 -8.49 -14.00
N LEU D 218 -4.87 -9.45 -14.16
CA LEU D 218 -6.20 -9.11 -14.65
C LEU D 218 -6.95 -8.25 -13.64
N ILE D 219 -6.93 -8.64 -12.37
CA ILE D 219 -7.68 -7.90 -11.35
C ILE D 219 -7.16 -6.45 -11.25
N THR D 220 -5.84 -6.27 -11.36
CA THR D 220 -5.30 -4.91 -11.28
C THR D 220 -5.64 -4.10 -12.52
N PHE D 221 -5.38 -4.66 -13.71
CA PHE D 221 -5.52 -3.82 -14.90
C PHE D 221 -6.97 -3.69 -15.33
N SER D 222 -7.88 -4.51 -14.77
CA SER D 222 -9.29 -4.28 -14.95
C SER D 222 -9.81 -3.25 -13.95
N TYR D 223 -9.29 -3.25 -12.72
CA TYR D 223 -9.73 -2.24 -11.76
C TYR D 223 -9.28 -0.85 -12.20
N VAL D 224 -8.03 -0.72 -12.65
CA VAL D 224 -7.53 0.59 -13.07
C VAL D 224 -8.19 1.08 -14.36
N ASN D 225 -8.73 0.17 -15.17
CA ASN D 225 -9.39 0.52 -16.42
C ASN D 225 -10.90 0.70 -16.28
N ASN D 226 -11.42 0.63 -15.05
CA ASN D 226 -12.84 0.70 -14.76
C ASN D 226 -13.64 -0.43 -15.41
N MET D 227 -12.98 -1.54 -15.73
CA MET D 227 -13.68 -2.75 -16.17
C MET D 227 -14.04 -3.64 -14.99
N ALA D 228 -14.72 -3.05 -14.01
CA ALA D 228 -15.03 -3.76 -12.77
C ALA D 228 -16.39 -4.45 -12.81
N ARG D 229 -17.27 -4.06 -13.75
CA ARG D 229 -18.56 -4.72 -13.82
C ARG D 229 -18.46 -6.11 -14.43
N VAL D 230 -17.47 -6.32 -15.31
CA VAL D 230 -17.28 -7.62 -15.93
C VAL D 230 -16.29 -8.50 -15.16
N GLY D 231 -15.43 -7.89 -14.33
CA GLY D 231 -14.50 -8.69 -13.54
C GLY D 231 -15.16 -9.40 -12.38
N THR D 232 -16.23 -8.82 -11.83
CA THR D 232 -16.94 -9.47 -10.73
C THR D 232 -17.57 -10.79 -11.18
N LEU D 233 -18.07 -10.84 -12.41
CA LEU D 233 -18.63 -12.09 -12.93
C LEU D 233 -17.56 -13.18 -12.97
N VAL D 234 -16.38 -12.86 -13.47
CA VAL D 234 -15.29 -13.83 -13.53
C VAL D 234 -14.87 -14.25 -12.13
N LEU D 235 -14.75 -13.29 -11.21
CA LEU D 235 -14.32 -13.60 -9.85
C LEU D 235 -15.32 -14.51 -9.15
N CYS D 236 -16.62 -14.27 -9.34
CA CYS D 236 -17.62 -15.12 -8.71
C CYS D 236 -17.73 -16.48 -9.40
N LEU D 237 -17.45 -16.53 -10.71
CA LEU D 237 -17.55 -17.80 -11.43
C LEU D 237 -16.40 -18.73 -11.08
N HIS D 238 -15.18 -18.20 -11.00
CA HIS D 238 -14.01 -19.03 -10.77
C HIS D 238 -13.83 -19.44 -9.32
N ASP D 239 -14.59 -18.87 -8.39
CA ASP D 239 -14.50 -19.24 -6.99
C ASP D 239 -15.60 -20.20 -6.55
N SER D 240 -16.44 -20.65 -7.49
CA SER D 240 -17.53 -21.57 -7.13
C SER D 240 -17.01 -22.97 -6.85
N ALA D 241 -16.06 -23.45 -7.64
CA ALA D 241 -15.57 -24.81 -7.50
C ALA D 241 -14.41 -24.96 -6.53
N ASP D 242 -13.72 -23.86 -6.18
CA ASP D 242 -12.58 -23.96 -5.28
C ASP D 242 -12.99 -24.23 -3.84
N ALA D 243 -14.28 -24.12 -3.50
CA ALA D 243 -14.74 -24.38 -2.15
C ALA D 243 -15.05 -25.85 -1.90
N LEU D 244 -15.02 -26.69 -2.93
CA LEU D 244 -15.28 -28.11 -2.78
C LEU D 244 -14.02 -28.96 -2.80
N LEU D 245 -12.99 -28.52 -3.53
CA LEU D 245 -11.73 -29.26 -3.56
C LEU D 245 -11.08 -29.30 -2.17
N GLU D 246 -11.15 -28.18 -1.44
CA GLU D 246 -10.59 -28.15 -0.10
C GLU D 246 -11.35 -29.09 0.84
N ALA D 247 -12.68 -29.13 0.72
CA ALA D 247 -13.46 -30.07 1.52
C ALA D 247 -13.12 -31.51 1.17
N ALA D 248 -12.92 -31.79 -0.12
CA ALA D 248 -12.52 -33.13 -0.54
C ALA D 248 -11.15 -33.50 0.05
N LYS D 249 -10.21 -32.56 0.04
CA LYS D 249 -8.90 -32.81 0.63
C LYS D 249 -9.01 -33.06 2.12
N MET D 250 -9.84 -32.28 2.81
CA MET D 250 -10.03 -32.49 4.25
C MET D 250 -10.64 -33.86 4.52
N ALA D 251 -11.61 -34.28 3.71
CA ALA D 251 -12.21 -35.60 3.87
C ALA D 251 -11.19 -36.70 3.62
N ASN D 252 -10.33 -36.52 2.61
CA ASN D 252 -9.29 -37.50 2.32
C ASN D 252 -8.31 -37.60 3.49
N TYR D 253 -7.90 -36.48 4.06
CA TYR D 253 -6.94 -36.49 5.16
C TYR D 253 -7.53 -37.12 6.41
N ALA D 254 -8.85 -37.02 6.61
CA ALA D 254 -9.51 -37.53 7.79
C ALA D 254 -9.90 -39.00 7.67
N LYS D 255 -9.28 -39.74 6.74
CA LYS D 255 -9.53 -41.16 6.55
C LYS D 255 -10.99 -41.44 6.16
N PHE D 256 -11.65 -40.46 5.55
CA PHE D 256 -13.03 -40.61 5.07
C PHE D 256 -12.96 -40.73 3.55
N GLN D 257 -12.84 -41.96 3.07
CA GLN D 257 -12.68 -42.18 1.64
C GLN D 257 -13.97 -41.93 0.87
N LYS D 258 -15.10 -42.45 1.39
CA LYS D 258 -16.37 -42.28 0.68
C LYS D 258 -16.77 -40.81 0.59
N MET D 259 -16.64 -40.07 1.68
CA MET D 259 -16.93 -38.65 1.66
C MET D 259 -15.99 -37.92 0.71
N CYS D 260 -14.71 -38.32 0.68
CA CYS D 260 -13.76 -37.70 -0.24
C CYS D 260 -14.17 -37.94 -1.69
N ASP D 261 -14.58 -39.17 -2.01
CA ASP D 261 -15.00 -39.47 -3.38
C ASP D 261 -16.24 -38.67 -3.77
N LEU D 262 -17.22 -38.59 -2.87
CA LEU D 262 -18.43 -37.83 -3.18
C LEU D 262 -18.11 -36.35 -3.38
N LEU D 263 -17.32 -35.77 -2.48
CA LEU D 263 -16.96 -34.37 -2.60
C LEU D 263 -16.15 -34.12 -3.87
N PHE D 264 -15.24 -35.03 -4.21
CA PHE D 264 -14.42 -34.84 -5.41
C PHE D 264 -15.25 -34.95 -6.68
N VAL D 265 -16.21 -35.88 -6.73
CA VAL D 265 -17.02 -35.98 -7.94
C VAL D 265 -17.94 -34.77 -8.08
N MET D 266 -18.49 -34.28 -6.96
CA MET D 266 -19.28 -33.05 -7.03
C MET D 266 -18.43 -31.87 -7.45
N PHE D 267 -17.20 -31.79 -6.95
CA PHE D 267 -16.28 -30.73 -7.34
C PHE D 267 -15.95 -30.82 -8.83
N ALA D 268 -15.75 -32.03 -9.35
CA ALA D 268 -15.47 -32.20 -10.76
C ALA D 268 -16.65 -31.73 -11.61
N VAL D 269 -17.87 -32.11 -11.21
CA VAL D 269 -19.05 -31.70 -11.97
C VAL D 269 -19.17 -30.18 -11.97
N VAL D 270 -19.05 -29.55 -10.80
CA VAL D 270 -19.18 -28.10 -10.72
C VAL D 270 -18.09 -27.41 -11.52
N PHE D 271 -16.84 -27.90 -11.40
CA PHE D 271 -15.72 -27.29 -12.11
C PHE D 271 -15.93 -27.35 -13.62
N ILE D 272 -16.29 -28.54 -14.13
CA ILE D 272 -16.48 -28.69 -15.57
C ILE D 272 -17.62 -27.80 -16.04
N THR D 273 -18.75 -27.83 -15.33
CA THR D 273 -19.91 -27.05 -15.77
C THR D 273 -19.62 -25.55 -15.75
N THR D 274 -18.96 -25.05 -14.71
CA THR D 274 -18.75 -23.62 -14.59
C THR D 274 -17.65 -23.12 -15.52
N ARG D 275 -16.54 -23.85 -15.64
CA ARG D 275 -15.38 -23.34 -16.35
C ARG D 275 -15.23 -23.93 -17.76
N LEU D 276 -16.21 -24.71 -18.22
CA LEU D 276 -16.15 -25.20 -19.59
C LEU D 276 -17.48 -24.96 -20.31
N GLY D 277 -18.57 -24.92 -19.55
CA GLY D 277 -19.88 -24.74 -20.14
C GLY D 277 -20.44 -23.34 -19.98
N ILE D 278 -20.27 -22.75 -18.80
CA ILE D 278 -20.81 -21.41 -18.55
C ILE D 278 -19.82 -20.34 -18.96
N PHE D 279 -18.53 -20.53 -18.68
CA PHE D 279 -17.54 -19.48 -18.97
C PHE D 279 -17.47 -19.14 -20.46
N PRO D 280 -17.23 -20.08 -21.38
CA PRO D 280 -17.11 -19.69 -22.79
C PRO D 280 -18.38 -19.11 -23.38
N LEU D 281 -19.55 -19.50 -22.87
CA LEU D 281 -20.82 -19.05 -23.42
C LEU D 281 -21.35 -17.79 -22.74
N TRP D 282 -20.76 -17.39 -21.61
CA TRP D 282 -21.20 -16.20 -20.91
C TRP D 282 -20.14 -15.11 -20.90
N VAL D 283 -18.95 -15.39 -20.36
CA VAL D 283 -17.96 -14.34 -20.18
C VAL D 283 -17.26 -14.03 -21.50
N LEU D 284 -16.82 -15.07 -22.21
CA LEU D 284 -16.24 -14.84 -23.53
C LEU D 284 -17.27 -14.28 -24.50
N ASN D 285 -18.55 -14.62 -24.32
CA ASN D 285 -19.59 -14.04 -25.15
C ASN D 285 -19.74 -12.55 -24.91
N THR D 286 -19.82 -12.13 -23.64
CA THR D 286 -19.97 -10.71 -23.35
C THR D 286 -18.69 -9.92 -23.55
N THR D 287 -17.55 -10.59 -23.65
CA THR D 287 -16.27 -9.89 -23.82
C THR D 287 -15.89 -9.76 -25.29
N LEU D 288 -15.99 -10.84 -26.06
CA LEU D 288 -15.56 -10.82 -27.45
C LEU D 288 -16.52 -10.05 -28.34
N PHE D 289 -17.83 -10.29 -28.19
CA PHE D 289 -18.81 -9.79 -29.14
C PHE D 289 -19.54 -8.54 -28.65
N GLU D 290 -20.15 -8.60 -27.48
CA GLU D 290 -20.95 -7.46 -26.99
C GLU D 290 -20.07 -6.23 -26.77
N SER D 291 -18.88 -6.42 -26.20
CA SER D 291 -17.97 -5.29 -26.00
C SER D 291 -17.58 -4.67 -27.33
N TRP D 292 -17.32 -5.49 -28.35
CA TRP D 292 -16.94 -4.97 -29.65
C TRP D 292 -18.05 -4.11 -30.25
N GLU D 293 -19.30 -4.55 -30.15
CA GLU D 293 -20.41 -3.83 -30.77
C GLU D 293 -20.94 -2.69 -29.92
N ILE D 294 -20.58 -2.60 -28.65
CA ILE D 294 -21.06 -1.53 -27.78
C ILE D 294 -20.00 -0.46 -27.55
N VAL D 295 -18.79 -0.87 -27.16
CA VAL D 295 -17.73 0.10 -26.90
C VAL D 295 -16.95 0.45 -28.15
N GLY D 296 -16.86 -0.46 -29.12
CA GLY D 296 -16.09 -0.24 -30.31
C GLY D 296 -14.69 -0.80 -30.18
N PRO D 297 -13.86 -0.61 -31.21
CA PRO D 297 -12.50 -1.14 -31.19
C PRO D 297 -11.56 -0.26 -30.37
N TYR D 298 -10.86 -0.87 -29.42
CA TYR D 298 -9.83 -0.20 -28.65
C TYR D 298 -8.67 -1.17 -28.46
N PRO D 299 -7.44 -0.66 -28.35
CA PRO D 299 -6.28 -1.57 -28.33
C PRO D 299 -6.23 -2.51 -27.14
N SER D 300 -6.53 -2.01 -25.93
CA SER D 300 -6.43 -2.83 -24.74
C SER D 300 -7.29 -4.08 -24.82
N TRP D 301 -8.39 -4.02 -25.58
CA TRP D 301 -9.22 -5.20 -25.80
C TRP D 301 -8.38 -6.38 -26.27
N TRP D 302 -7.56 -6.14 -27.31
CA TRP D 302 -6.75 -7.21 -27.89
C TRP D 302 -5.86 -7.87 -26.84
N VAL D 303 -5.50 -7.13 -25.79
CA VAL D 303 -4.76 -7.74 -24.69
C VAL D 303 -5.69 -8.61 -23.85
N PHE D 304 -6.73 -8.00 -23.28
CA PHE D 304 -7.47 -8.64 -22.20
C PHE D 304 -8.05 -9.98 -22.64
N ASN D 305 -8.74 -10.00 -23.78
CA ASN D 305 -9.32 -11.23 -24.29
C ASN D 305 -8.28 -12.35 -24.33
N LEU D 306 -7.10 -12.05 -24.87
CA LEU D 306 -6.06 -13.07 -24.96
C LEU D 306 -5.80 -13.69 -23.59
N LEU D 307 -5.61 -12.85 -22.58
CA LEU D 307 -5.35 -13.37 -21.24
C LEU D 307 -6.49 -14.26 -20.78
N LEU D 308 -7.74 -13.82 -21.00
CA LEU D 308 -8.88 -14.67 -20.65
C LEU D 308 -8.78 -16.01 -21.36
N LEU D 309 -8.49 -15.99 -22.67
CA LEU D 309 -8.31 -17.23 -23.40
C LEU D 309 -7.22 -18.07 -22.76
N LEU D 310 -6.09 -17.43 -22.40
CA LEU D 310 -5.03 -18.14 -21.70
C LEU D 310 -5.58 -18.83 -20.46
N VAL D 311 -6.33 -18.09 -19.65
CA VAL D 311 -6.92 -18.69 -18.45
C VAL D 311 -7.76 -19.90 -18.82
N GLN D 312 -8.61 -19.75 -19.84
CA GLN D 312 -9.41 -20.88 -20.31
C GLN D 312 -8.52 -22.07 -20.62
N GLY D 313 -7.45 -21.84 -21.37
CA GLY D 313 -6.56 -22.94 -21.70
C GLY D 313 -6.04 -23.63 -20.46
N LEU D 314 -5.59 -22.85 -19.49
CA LEU D 314 -5.09 -23.43 -18.24
C LEU D 314 -6.16 -24.31 -17.61
N ASN D 315 -7.39 -23.80 -17.53
CA ASN D 315 -8.45 -24.57 -16.91
C ASN D 315 -8.78 -25.81 -17.72
N CYS D 316 -8.65 -25.74 -19.05
CA CYS D 316 -8.76 -26.95 -19.86
C CYS D 316 -7.74 -27.99 -19.41
N PHE D 317 -6.49 -27.55 -19.21
CA PHE D 317 -5.47 -28.47 -18.72
C PHE D 317 -5.92 -29.08 -17.40
N TRP D 318 -6.44 -28.26 -16.49
CA TRP D 318 -6.90 -28.79 -15.21
C TRP D 318 -8.01 -29.81 -15.41
N SER D 319 -8.90 -29.57 -16.38
CA SER D 319 -9.95 -30.54 -16.66
C SER D 319 -9.36 -31.90 -16.98
N TYR D 320 -8.29 -31.93 -17.77
CA TYR D 320 -7.59 -33.18 -18.04
C TYR D 320 -7.18 -33.84 -16.73
N LEU D 321 -6.48 -33.10 -15.86
CA LEU D 321 -6.01 -33.68 -14.61
C LEU D 321 -7.16 -34.15 -13.74
N ILE D 322 -8.38 -33.67 -14.01
CA ILE D 322 -9.53 -34.15 -13.26
C ILE D 322 -10.15 -35.36 -13.94
N VAL D 323 -10.25 -35.34 -15.27
CA VAL D 323 -11.10 -36.31 -15.97
C VAL D 323 -10.59 -37.72 -15.78
N LYS D 324 -9.26 -37.89 -15.65
CA LYS D 324 -8.72 -39.21 -15.34
C LYS D 324 -8.94 -39.57 -13.88
N ILE D 325 -8.70 -38.63 -12.97
CA ILE D 325 -8.78 -38.94 -11.54
C ILE D 325 -10.22 -39.31 -11.17
N ALA D 326 -11.19 -38.56 -11.69
CA ALA D 326 -12.58 -38.91 -11.46
C ALA D 326 -12.90 -40.30 -11.97
N CYS D 327 -12.25 -40.72 -13.06
CA CYS D 327 -12.43 -42.08 -13.56
C CYS D 327 -11.99 -43.10 -12.51
N LYS D 328 -10.92 -42.81 -11.79
CA LYS D 328 -10.51 -43.68 -10.69
C LYS D 328 -11.49 -43.60 -9.52
N ALA D 329 -12.18 -42.46 -9.37
CA ALA D 329 -13.10 -42.27 -8.26
C ALA D 329 -14.43 -42.97 -8.47
N VAL D 330 -14.73 -43.40 -9.70
CA VAL D 330 -16.01 -44.06 -9.98
C VAL D 330 -16.01 -45.47 -9.40
#